data_7KC7
#
_entry.id   7KC7
#
_cell.length_a   64.968
_cell.length_b   120.489
_cell.length_c   124.049
_cell.angle_alpha   90.000
_cell.angle_beta   90.000
_cell.angle_gamma   90.000
#
_symmetry.space_group_name_H-M   'P 21 21 21'
#
loop_
_entity.id
_entity.type
_entity.pdbx_description
1 polymer '2-oxoglutarate carboxylase small subunit'
2 non-polymer 'PHOSPHATE ION'
3 non-polymer "ADENOSINE-5'-DIPHOSPHATE"
4 water water
#
_entity_poly.entity_id   1
_entity_poly.type   'polypeptide(L)'
_entity_poly.pdbx_seq_one_letter_code
;MHHHHHHLVPRGSMFKKVLVANRGEIACRVIRACKELGIQTVAIYNEIESTARHVKMADEAYMIGVNPLDTYLNAERIVD
LALEVGAEAIHPGYGFLAENEHFARLCEEKGITFIGPHWKVIELMGDKARSKEVMKRAGVPTVPGSDGILKDVEEAKRIA
KEIGYPVLLKASAGGGGRGIRISRNEEELVRNYENAYNEAVKAFGRGDLLLEKYIENPKHIEFQVLGDKYGNVIHLGERD
CSIQRRNQKLVEIAPSLLLTPEQREYYGSLVVKAAKEIGYYSAGTMEFIADEKGNLYFIEMNTRIQVEHPVTEMITGVDI
VKWQIRIAAGERLRYSQEDIRFNGYSIECRINAEDPKKGFAPSIGTIERYYVPGGFGIRVEHASSKGYEITPYYDSLIAK
LIVWAPLWEVAVDRMRSALETYEISGVKTTIPLLINIMKDKDFRDGKFTTRYLEEHPHVFDYAEHRDKEDFVAFISAVIA
SYHGL
;
_entity_poly.pdbx_strand_id   A,B
#
loop_
_chem_comp.id
_chem_comp.type
_chem_comp.name
_chem_comp.formula
ADP non-polymer ADENOSINE-5'-DIPHOSPHATE 'C10 H15 N5 O10 P2'
PO4 non-polymer 'PHOSPHATE ION' 'O4 P -3'
#
# COMPACT_ATOMS: atom_id res chain seq x y z
N MET A 14 16.11 13.98 -17.74
CA MET A 14 15.36 12.72 -17.55
C MET A 14 15.02 12.06 -18.88
N PHE A 15 15.22 10.75 -18.96
CA PHE A 15 14.90 10.03 -20.18
C PHE A 15 13.47 10.34 -20.62
N LYS A 16 13.26 10.39 -21.94
CA LYS A 16 11.90 10.49 -22.47
C LYS A 16 11.28 9.12 -22.65
N LYS A 17 12.14 8.12 -22.87
CA LYS A 17 11.67 6.77 -23.12
C LYS A 17 12.67 5.71 -22.65
N VAL A 18 12.13 4.67 -22.03
CA VAL A 18 12.90 3.60 -21.43
C VAL A 18 12.29 2.26 -21.87
N LEU A 19 13.15 1.34 -22.27
CA LEU A 19 12.73 0.00 -22.64
C LEU A 19 12.97 -0.93 -21.46
N VAL A 20 11.95 -1.69 -21.09
CA VAL A 20 12.01 -2.60 -19.96
C VAL A 20 12.30 -3.99 -20.52
N ALA A 21 13.49 -4.52 -20.27
CA ALA A 21 13.90 -5.78 -20.90
C ALA A 21 13.56 -6.95 -19.97
N ASN A 22 12.28 -7.08 -19.66
CA ASN A 22 11.84 -8.10 -18.71
C ASN A 22 10.34 -8.24 -18.80
N ARG A 23 9.78 -8.99 -17.87
CA ARG A 23 8.38 -9.38 -17.91
C ARG A 23 7.86 -9.50 -16.48
N GLY A 24 6.57 -9.81 -16.37
CA GLY A 24 6.03 -10.17 -15.09
C GLY A 24 6.09 -9.04 -14.10
N GLU A 25 6.18 -9.39 -12.83
CA GLU A 25 6.01 -8.34 -11.85
C GLU A 25 7.16 -7.33 -11.85
N ILE A 26 8.41 -7.73 -12.15
CA ILE A 26 9.48 -6.72 -12.11
C ILE A 26 9.32 -5.70 -13.24
N ALA A 27 8.82 -6.14 -14.38
CA ALA A 27 8.56 -5.21 -15.48
C ALA A 27 7.47 -4.21 -15.08
N CYS A 28 6.41 -4.69 -14.44
CA CYS A 28 5.36 -3.77 -14.01
C CYS A 28 5.88 -2.80 -12.95
N ARG A 29 6.75 -3.30 -12.04
CA ARG A 29 7.38 -2.45 -11.03
C ARG A 29 8.14 -1.30 -11.68
N VAL A 30 8.93 -1.61 -12.70
CA VAL A 30 9.75 -0.62 -13.38
C VAL A 30 8.86 0.31 -14.20
N ILE A 31 7.86 -0.26 -14.87
CA ILE A 31 6.98 0.58 -15.66
C ILE A 31 6.30 1.59 -14.75
N ARG A 32 5.92 1.16 -13.55
CA ARG A 32 5.27 2.10 -12.63
C ARG A 32 6.25 3.20 -12.22
N ALA A 33 7.48 2.85 -11.86
CA ALA A 33 8.44 3.92 -11.55
C ALA A 33 8.54 4.92 -12.70
N CYS A 34 8.58 4.41 -13.95
CA CYS A 34 8.70 5.26 -15.14
C CYS A 34 7.47 6.13 -15.35
N LYS A 35 6.28 5.53 -15.25
CA LYS A 35 5.07 6.32 -15.41
C LYS A 35 5.07 7.47 -14.43
N GLU A 36 5.44 7.21 -13.17
CA GLU A 36 5.45 8.26 -12.16
C GLU A 36 6.42 9.39 -12.50
N LEU A 37 7.55 9.06 -13.12
CA LEU A 37 8.53 10.07 -13.52
C LEU A 37 8.18 10.76 -14.83
N GLY A 38 7.10 10.35 -15.50
CA GLY A 38 6.69 10.91 -16.77
C GLY A 38 7.38 10.37 -18.02
N ILE A 39 8.04 9.22 -17.92
CA ILE A 39 8.83 8.63 -19.00
C ILE A 39 7.97 7.65 -19.79
N GLN A 40 8.04 7.69 -21.12
CA GLN A 40 7.36 6.65 -21.87
C GLN A 40 8.07 5.31 -21.77
N THR A 41 7.26 4.27 -21.68
CA THR A 41 7.77 2.95 -21.43
C THR A 41 7.59 2.08 -22.67
N VAL A 42 8.54 1.18 -22.87
CA VAL A 42 8.47 0.20 -23.94
C VAL A 42 8.59 -1.18 -23.32
N ALA A 43 7.62 -2.04 -23.63
CA ALA A 43 7.64 -3.44 -23.24
C ALA A 43 8.04 -4.31 -24.42
N ILE A 44 8.66 -5.46 -24.12
CA ILE A 44 8.95 -6.50 -25.09
C ILE A 44 8.24 -7.74 -24.61
N TYR A 45 7.81 -8.59 -25.54
CA TYR A 45 7.14 -9.80 -25.13
C TYR A 45 7.15 -10.86 -26.24
N ASN A 46 6.83 -12.08 -25.83
CA ASN A 46 6.64 -13.25 -26.68
C ASN A 46 5.17 -13.51 -27.01
N GLU A 47 4.95 -14.18 -28.15
CA GLU A 47 3.59 -14.44 -28.62
C GLU A 47 2.77 -15.21 -27.58
N ILE A 48 3.40 -16.00 -26.71
CA ILE A 48 2.67 -16.74 -25.68
C ILE A 48 2.17 -15.82 -24.57
N GLU A 49 2.53 -14.54 -24.62
CA GLU A 49 2.24 -13.59 -23.55
C GLU A 49 1.59 -12.34 -24.11
N SER A 50 0.84 -12.51 -25.21
CA SER A 50 0.29 -11.38 -25.94
C SER A 50 -0.63 -10.57 -25.02
N THR A 51 -1.17 -11.16 -23.94
CA THR A 51 -2.04 -10.47 -23.00
C THR A 51 -1.41 -10.21 -21.63
N ALA A 52 -0.08 -10.32 -21.51
CA ALA A 52 0.59 -10.12 -20.23
C ALA A 52 0.33 -8.75 -19.62
N ARG A 53 0.42 -8.68 -18.28
CA ARG A 53 0.11 -7.43 -17.59
C ARG A 53 1.08 -6.34 -18.01
N HIS A 54 2.39 -6.67 -18.09
CA HIS A 54 3.37 -5.64 -18.38
C HIS A 54 3.18 -5.06 -19.78
N VAL A 55 2.66 -5.82 -20.73
CA VAL A 55 2.44 -5.18 -22.03
C VAL A 55 1.22 -4.23 -21.97
N LYS A 56 0.19 -4.56 -21.21
CA LYS A 56 -0.95 -3.64 -21.11
C LYS A 56 -0.60 -2.36 -20.39
N MET A 57 0.31 -2.42 -19.41
CA MET A 57 0.70 -1.23 -18.70
C MET A 57 1.60 -0.31 -19.49
N ALA A 58 2.30 -0.80 -20.49
CA ALA A 58 3.31 -0.01 -21.21
C ALA A 58 2.68 0.89 -22.28
N ASP A 59 3.36 2.01 -22.55
CA ASP A 59 2.92 2.89 -23.64
C ASP A 59 3.12 2.27 -25.01
N GLU A 60 4.16 1.46 -25.18
CA GLU A 60 4.36 0.76 -26.45
C GLU A 60 4.90 -0.62 -26.12
N ALA A 61 4.61 -1.58 -26.98
CA ALA A 61 5.02 -2.95 -26.73
C ALA A 61 5.31 -3.63 -28.08
N TYR A 62 6.40 -4.42 -28.14
CA TYR A 62 6.81 -5.10 -29.36
C TYR A 62 7.00 -6.60 -29.11
N MET A 63 6.38 -7.40 -29.95
CA MET A 63 6.58 -8.83 -29.91
C MET A 63 7.95 -9.16 -30.52
N ILE A 64 8.89 -9.73 -29.75
CA ILE A 64 10.17 -10.17 -30.32
C ILE A 64 10.47 -11.59 -29.81
N GLY A 65 11.46 -12.22 -30.44
CA GLY A 65 11.95 -13.52 -30.00
C GLY A 65 11.39 -14.68 -30.81
N VAL A 66 12.20 -15.71 -31.07
CA VAL A 66 11.78 -16.89 -31.80
C VAL A 66 11.31 -17.97 -30.85
N ASN A 67 11.55 -17.82 -29.55
CA ASN A 67 10.97 -18.69 -28.52
C ASN A 67 10.79 -17.90 -27.23
N PRO A 68 10.19 -18.48 -26.18
CA PRO A 68 9.86 -17.65 -25.00
C PRO A 68 11.07 -17.02 -24.34
N LEU A 69 12.24 -17.65 -24.44
CA LEU A 69 13.44 -17.12 -23.85
C LEU A 69 14.21 -16.20 -24.79
N ASP A 70 14.22 -16.44 -26.10
CA ASP A 70 14.93 -15.54 -27.01
C ASP A 70 14.44 -14.08 -26.86
N THR A 71 13.18 -13.90 -26.51
CA THR A 71 12.60 -12.57 -26.28
C THR A 71 13.42 -11.74 -25.29
N TYR A 72 13.83 -12.34 -24.17
CA TYR A 72 14.52 -11.65 -23.09
C TYR A 72 16.01 -11.95 -23.01
N LEU A 73 16.55 -12.92 -23.76
CA LEU A 73 17.98 -13.23 -23.65
C LEU A 73 18.81 -12.83 -24.87
N ASN A 74 18.18 -12.43 -25.95
CA ASN A 74 18.90 -12.06 -27.17
C ASN A 74 19.30 -10.60 -27.07
N ALA A 75 20.48 -10.40 -26.50
CA ALA A 75 20.96 -9.06 -26.25
C ALA A 75 21.00 -8.27 -27.54
N GLU A 76 21.37 -8.93 -28.64
CA GLU A 76 21.48 -8.24 -29.92
C GLU A 76 20.14 -7.72 -30.39
N ARG A 77 19.10 -8.53 -30.27
CA ARG A 77 17.77 -8.11 -30.71
C ARG A 77 17.28 -6.95 -29.86
N ILE A 78 17.50 -6.99 -28.55
CA ILE A 78 16.91 -6.02 -27.65
C ILE A 78 17.50 -4.64 -27.88
N VAL A 79 18.83 -4.57 -28.04
CA VAL A 79 19.51 -3.29 -28.22
C VAL A 79 19.11 -2.66 -29.57
N ASP A 80 18.99 -3.46 -30.61
CA ASP A 80 18.57 -2.91 -31.90
C ASP A 80 17.15 -2.35 -31.85
N LEU A 81 16.24 -3.10 -31.23
CA LEU A 81 14.89 -2.59 -31.04
C LEU A 81 14.89 -1.30 -30.25
N ALA A 82 15.70 -1.22 -29.19
CA ALA A 82 15.83 0.03 -28.44
C ALA A 82 16.18 1.17 -29.38
N LEU A 83 17.16 0.95 -30.26
CA LEU A 83 17.54 1.94 -31.26
C LEU A 83 16.41 2.16 -32.24
N GLU A 84 15.79 1.09 -32.77
CA GLU A 84 14.73 1.31 -33.74
C GLU A 84 13.69 2.27 -33.19
N VAL A 85 13.34 2.13 -31.92
CA VAL A 85 12.18 2.82 -31.37
C VAL A 85 12.55 4.03 -30.54
N GLY A 86 13.83 4.38 -30.43
CA GLY A 86 14.19 5.59 -29.73
C GLY A 86 14.25 5.51 -28.22
N ALA A 87 14.37 4.32 -27.65
CA ALA A 87 14.57 4.24 -26.21
C ALA A 87 15.97 4.70 -25.89
N GLU A 88 16.09 5.62 -24.96
CA GLU A 88 17.39 6.13 -24.56
C GLU A 88 18.06 5.27 -23.51
N ALA A 89 17.32 4.35 -22.88
CA ALA A 89 17.83 3.61 -21.74
C ALA A 89 17.12 2.28 -21.67
N ILE A 90 17.77 1.31 -21.03
CA ILE A 90 17.20 -0.02 -20.85
C ILE A 90 17.31 -0.40 -19.39
N HIS A 91 16.19 -0.83 -18.78
CA HIS A 91 16.19 -1.40 -17.46
C HIS A 91 16.08 -2.90 -17.59
N PRO A 92 17.01 -3.66 -17.02
CA PRO A 92 17.02 -5.11 -17.23
C PRO A 92 16.23 -5.93 -16.23
N GLY A 93 15.73 -5.29 -15.18
CA GLY A 93 15.00 -6.01 -14.13
C GLY A 93 15.99 -6.76 -13.29
N TYR A 94 15.62 -8.02 -12.99
CA TYR A 94 16.43 -9.04 -12.34
C TYR A 94 16.30 -10.30 -13.20
N GLY A 95 17.23 -11.24 -13.07
CA GLY A 95 17.23 -12.40 -13.98
C GLY A 95 17.58 -12.00 -15.42
N PHE A 96 17.37 -12.94 -16.35
CA PHE A 96 17.68 -12.76 -17.76
C PHE A 96 19.06 -12.09 -17.93
N LEU A 97 19.14 -10.88 -18.50
CA LEU A 97 20.45 -10.27 -18.81
C LEU A 97 20.89 -9.21 -17.80
N ALA A 98 20.24 -9.15 -16.63
CA ALA A 98 20.51 -8.05 -15.69
C ALA A 98 21.96 -8.05 -15.20
N GLU A 99 22.56 -9.22 -15.04
CA GLU A 99 23.97 -9.31 -14.64
C GLU A 99 24.79 -9.86 -15.81
N ASN A 100 24.37 -9.56 -17.04
CA ASN A 100 25.11 -10.01 -18.20
C ASN A 100 25.99 -8.84 -18.66
N GLU A 101 27.29 -8.89 -18.34
CA GLU A 101 28.18 -7.79 -18.73
C GLU A 101 28.22 -7.61 -20.25
N HIS A 102 28.01 -8.66 -21.03
CA HIS A 102 28.01 -8.47 -22.48
C HIS A 102 26.83 -7.60 -22.91
N PHE A 103 25.63 -7.83 -22.33
CA PHE A 103 24.49 -6.97 -22.61
C PHE A 103 24.80 -5.52 -22.28
N ALA A 104 25.33 -5.29 -21.07
CA ALA A 104 25.53 -3.91 -20.62
C ALA A 104 26.56 -3.21 -21.49
N ARG A 105 27.66 -3.89 -21.80
CA ARG A 105 28.66 -3.32 -22.69
C ARG A 105 28.05 -2.94 -24.03
N LEU A 106 27.21 -3.81 -24.59
CA LEU A 106 26.63 -3.56 -25.90
C LEU A 106 25.76 -2.32 -25.88
N CYS A 107 24.93 -2.18 -24.84
CA CYS A 107 24.17 -0.94 -24.68
C CYS A 107 25.10 0.26 -24.77
N GLU A 108 26.21 0.21 -24.02
CA GLU A 108 27.12 1.35 -23.97
C GLU A 108 27.74 1.63 -25.34
N GLU A 109 28.20 0.58 -26.03
CA GLU A 109 28.83 0.74 -27.34
C GLU A 109 27.87 1.22 -28.41
N LYS A 110 26.55 1.14 -28.19
CA LYS A 110 25.56 1.62 -29.16
C LYS A 110 24.86 2.87 -28.66
N GLY A 111 25.29 3.42 -27.54
CA GLY A 111 24.71 4.68 -27.12
C GLY A 111 23.46 4.61 -26.29
N ILE A 112 23.09 3.43 -25.79
CA ILE A 112 21.93 3.25 -24.90
C ILE A 112 22.40 3.17 -23.45
N THR A 113 21.78 3.96 -22.57
CA THR A 113 22.11 3.86 -21.15
C THR A 113 21.56 2.57 -20.53
N PHE A 114 22.43 1.78 -19.94
CA PHE A 114 22.03 0.60 -19.20
C PHE A 114 21.74 0.98 -17.76
N ILE A 115 20.53 0.70 -17.29
CA ILE A 115 20.15 1.13 -15.95
C ILE A 115 20.69 0.10 -14.95
N GLY A 116 21.86 0.41 -14.40
CA GLY A 116 22.60 -0.51 -13.58
C GLY A 116 24.04 -0.06 -13.46
N PRO A 117 24.85 -0.82 -12.74
CA PRO A 117 26.26 -0.47 -12.62
C PRO A 117 26.91 -0.56 -13.99
N HIS A 118 28.14 -0.06 -14.04
CA HIS A 118 28.97 -0.13 -15.23
C HIS A 118 29.30 -1.57 -15.56
N TRP A 119 29.30 -1.87 -16.87
CA TRP A 119 29.52 -3.25 -17.30
C TRP A 119 30.85 -3.84 -16.79
N LYS A 120 31.91 -3.03 -16.60
CA LYS A 120 33.15 -3.60 -16.06
C LYS A 120 32.99 -4.05 -14.62
N VAL A 121 32.18 -3.33 -13.84
CA VAL A 121 31.83 -3.74 -12.48
C VAL A 121 31.00 -5.02 -12.48
N ILE A 122 30.02 -5.11 -13.39
CA ILE A 122 29.24 -6.35 -13.51
C ILE A 122 30.15 -7.54 -13.75
N GLU A 123 31.09 -7.37 -14.67
CA GLU A 123 32.07 -8.42 -14.97
C GLU A 123 32.96 -8.66 -13.77
N LEU A 124 33.49 -7.58 -13.21
CA LEU A 124 34.36 -7.76 -12.06
C LEU A 124 33.66 -8.56 -10.98
N MET A 125 32.40 -8.17 -10.63
CA MET A 125 31.76 -8.80 -9.49
C MET A 125 31.05 -10.09 -9.82
N GLY A 126 31.02 -10.52 -11.10
CA GLY A 126 30.44 -11.82 -11.48
C GLY A 126 31.30 -13.01 -11.12
N ASP A 127 32.54 -12.78 -10.69
CA ASP A 127 33.46 -13.84 -10.29
C ASP A 127 33.58 -13.81 -8.78
N LYS A 128 33.29 -14.97 -8.16
CA LYS A 128 33.19 -15.02 -6.70
C LYS A 128 34.57 -14.77 -6.03
N ALA A 129 35.65 -15.11 -6.69
CA ALA A 129 36.96 -14.88 -6.12
C ALA A 129 37.32 -13.45 -6.11
N ARG A 130 37.08 -12.77 -7.20
CA ARG A 130 37.40 -11.38 -7.30
C ARG A 130 36.53 -10.56 -6.44
N SER A 131 35.29 -10.94 -6.30
CA SER A 131 34.43 -10.21 -5.49
C SER A 131 34.90 -10.36 -4.07
N LYS A 132 35.33 -11.53 -3.70
CA LYS A 132 35.76 -11.73 -2.32
C LYS A 132 37.05 -10.93 -2.03
N GLU A 133 37.96 -10.85 -3.01
CA GLU A 133 39.18 -10.04 -2.85
C GLU A 133 38.85 -8.56 -2.74
N VAL A 134 37.96 -8.06 -3.57
CA VAL A 134 37.48 -6.69 -3.44
C VAL A 134 37.04 -6.40 -2.00
N MET A 135 36.24 -7.33 -1.42
CA MET A 135 35.70 -7.16 -0.07
C MET A 135 36.82 -7.26 0.99
N LYS A 136 37.72 -8.23 0.83
CA LYS A 136 38.86 -8.32 1.74
C LYS A 136 39.68 -7.03 1.74
N ARG A 137 39.92 -6.50 0.57
CA ARG A 137 40.73 -5.31 0.47
C ARG A 137 40.03 -4.10 1.05
N ALA A 138 38.72 -4.12 1.14
CA ALA A 138 38.05 -3.00 1.77
C ALA A 138 37.96 -3.17 3.28
N GLY A 139 38.33 -4.31 3.83
CA GLY A 139 38.12 -4.52 5.24
C GLY A 139 36.84 -5.28 5.57
N VAL A 140 36.09 -5.73 4.56
CA VAL A 140 34.85 -6.47 4.81
C VAL A 140 35.19 -7.90 5.21
N PRO A 141 34.69 -8.37 6.33
CA PRO A 141 34.99 -9.75 6.71
C PRO A 141 34.43 -10.75 5.70
N THR A 142 35.29 -11.73 5.37
CA THR A 142 35.02 -12.84 4.45
C THR A 142 35.24 -14.16 5.17
N VAL A 143 34.75 -15.24 4.57
CA VAL A 143 34.96 -16.56 5.18
C VAL A 143 36.40 -16.99 4.99
N PRO A 144 37.11 -17.44 6.04
CA PRO A 144 38.49 -17.89 5.85
C PRO A 144 38.55 -18.96 4.78
N GLY A 145 39.56 -18.87 3.94
CA GLY A 145 39.74 -19.84 2.88
C GLY A 145 40.91 -19.54 1.98
N SER A 146 40.80 -20.04 0.76
CA SER A 146 41.87 -19.88 -0.20
C SER A 146 42.05 -18.43 -0.60
N ASP A 147 43.29 -18.09 -0.98
CA ASP A 147 43.66 -16.78 -1.51
C ASP A 147 43.24 -16.76 -2.98
N GLY A 148 41.96 -16.49 -3.20
CA GLY A 148 41.46 -16.62 -4.55
C GLY A 148 41.27 -18.06 -4.99
N ILE A 149 41.38 -18.27 -6.31
CA ILE A 149 41.12 -19.55 -6.95
C ILE A 149 42.21 -20.56 -6.62
N LEU A 150 41.81 -21.80 -6.41
CA LEU A 150 42.77 -22.87 -6.17
C LEU A 150 43.53 -23.16 -7.46
N LYS A 151 44.87 -23.27 -7.34
CA LYS A 151 45.71 -23.74 -8.44
C LYS A 151 45.41 -25.20 -8.77
N ASP A 152 45.17 -26.02 -7.75
CA ASP A 152 44.94 -27.45 -7.92
C ASP A 152 44.58 -28.09 -6.59
N VAL A 153 44.31 -29.40 -6.61
CA VAL A 153 43.75 -30.08 -5.44
C VAL A 153 44.70 -30.12 -4.27
N GLU A 154 46.02 -30.16 -4.53
CA GLU A 154 47.01 -30.15 -3.45
C GLU A 154 46.94 -28.84 -2.67
N GLU A 155 46.86 -27.71 -3.37
CA GLU A 155 46.68 -26.44 -2.66
C GLU A 155 45.43 -26.48 -1.80
N ALA A 156 44.39 -27.17 -2.29
CA ALA A 156 43.14 -27.34 -1.54
C ALA A 156 43.36 -28.21 -0.31
N LYS A 157 44.04 -29.35 -0.46
CA LYS A 157 44.21 -30.21 0.70
C LYS A 157 45.05 -29.48 1.76
N ARG A 158 46.04 -28.67 1.31
CA ARG A 158 46.89 -27.92 2.24
C ARG A 158 46.08 -26.82 2.94
N ILE A 159 45.40 -25.96 2.15
CA ILE A 159 44.64 -24.86 2.75
C ILE A 159 43.55 -25.41 3.66
N ALA A 160 42.92 -26.52 3.29
CA ALA A 160 41.87 -27.06 4.15
C ALA A 160 42.44 -27.44 5.51
N LYS A 161 43.61 -28.11 5.50
CA LYS A 161 44.30 -28.44 6.74
C LYS A 161 44.51 -27.21 7.59
N GLU A 162 44.93 -26.12 6.96
CA GLU A 162 45.21 -24.87 7.67
C GLU A 162 43.96 -24.23 8.26
N ILE A 163 42.77 -24.39 7.66
CA ILE A 163 41.62 -23.67 8.21
C ILE A 163 40.69 -24.56 9.02
N GLY A 164 40.81 -25.87 8.90
CA GLY A 164 40.00 -26.76 9.68
C GLY A 164 38.71 -27.14 8.98
N TYR A 165 38.46 -28.45 8.94
CA TYR A 165 37.26 -29.01 8.35
C TYR A 165 36.10 -28.72 9.29
N PRO A 166 34.83 -28.83 8.83
CA PRO A 166 34.41 -29.14 7.45
C PRO A 166 34.70 -27.95 6.54
N VAL A 167 34.95 -28.21 5.24
CA VAL A 167 35.26 -27.15 4.29
C VAL A 167 34.36 -27.25 3.07
N LEU A 168 34.34 -26.16 2.29
CA LEU A 168 33.43 -25.99 1.17
C LEU A 168 34.17 -25.71 -0.13
N LEU A 169 33.69 -26.29 -1.21
CA LEU A 169 34.22 -25.97 -2.54
C LEU A 169 33.13 -25.21 -3.29
N LYS A 170 33.50 -24.13 -3.98
CA LYS A 170 32.53 -23.36 -4.73
C LYS A 170 33.04 -23.02 -6.11
N ALA A 171 32.16 -23.08 -7.11
CA ALA A 171 32.52 -22.59 -8.44
C ALA A 171 32.68 -21.09 -8.38
N SER A 172 33.77 -20.58 -8.95
CA SER A 172 33.98 -19.14 -8.91
C SER A 172 33.09 -18.40 -9.89
N ALA A 173 32.86 -19.00 -11.05
CA ALA A 173 31.90 -18.47 -12.00
C ALA A 173 30.49 -18.87 -11.63
N GLY A 174 30.35 -19.64 -10.55
CA GLY A 174 29.12 -20.06 -9.93
C GLY A 174 27.88 -19.19 -9.92
N GLY A 175 26.80 -19.84 -9.50
CA GLY A 175 25.48 -19.28 -9.39
C GLY A 175 24.61 -20.47 -9.03
N GLY A 176 24.07 -20.44 -7.82
CA GLY A 176 23.24 -21.54 -7.35
C GLY A 176 24.04 -22.70 -6.79
N GLY A 177 23.34 -23.83 -6.66
CA GLY A 177 23.85 -25.00 -5.97
C GLY A 177 24.88 -25.83 -6.72
N ARG A 178 24.98 -25.66 -8.04
CA ARG A 178 25.82 -26.55 -8.82
C ARG A 178 27.28 -26.08 -8.75
N GLY A 179 28.20 -27.05 -8.77
CA GLY A 179 29.59 -26.72 -8.52
C GLY A 179 29.92 -26.54 -7.06
N ILE A 180 29.00 -26.88 -6.16
CA ILE A 180 29.31 -26.81 -4.72
C ILE A 180 29.27 -28.18 -4.05
N ARG A 181 30.27 -28.42 -3.17
CA ARG A 181 30.38 -29.66 -2.40
C ARG A 181 30.90 -29.39 -0.98
N ILE A 182 30.43 -30.14 0.01
CA ILE A 182 30.92 -30.05 1.39
C ILE A 182 31.86 -31.23 1.61
N SER A 183 32.98 -30.97 2.29
CA SER A 183 33.99 -31.98 2.61
C SER A 183 34.22 -32.04 4.10
N ARG A 184 33.94 -33.24 4.68
CA ARG A 184 34.15 -33.35 6.12
C ARG A 184 35.54 -33.87 6.46
N ASN A 185 36.25 -34.35 5.44
CA ASN A 185 37.62 -34.85 5.59
C ASN A 185 38.32 -34.78 4.24
N GLU A 186 39.64 -35.03 4.28
CA GLU A 186 40.44 -34.92 3.06
C GLU A 186 40.14 -36.07 2.10
N GLU A 187 39.67 -37.21 2.63
CA GLU A 187 39.17 -38.25 1.74
C GLU A 187 38.04 -37.72 0.88
N GLU A 188 37.01 -37.17 1.51
CA GLU A 188 35.91 -36.58 0.77
C GLU A 188 36.35 -35.43 -0.13
N LEU A 189 37.32 -34.65 0.33
CA LEU A 189 37.69 -33.45 -0.38
C LEU A 189 38.23 -33.74 -1.78
N VAL A 190 39.08 -34.75 -1.94
CA VAL A 190 39.73 -34.96 -3.23
C VAL A 190 38.73 -35.47 -4.27
N ARG A 191 37.87 -36.42 -3.91
CA ARG A 191 36.78 -36.79 -4.84
C ARG A 191 35.92 -35.56 -5.15
N ASN A 192 35.57 -34.82 -4.12
CA ASN A 192 34.74 -33.64 -4.31
C ASN A 192 35.45 -32.58 -5.15
N TYR A 193 36.78 -32.49 -5.09
CA TYR A 193 37.47 -31.52 -5.94
C TYR A 193 37.26 -31.81 -7.43
N GLU A 194 37.44 -33.07 -7.84
CA GLU A 194 37.16 -33.36 -9.26
C GLU A 194 35.67 -33.27 -9.55
N ASN A 195 34.80 -33.76 -8.65
CA ASN A 195 33.37 -33.71 -8.93
C ASN A 195 32.88 -32.27 -9.09
N ALA A 196 33.31 -31.38 -8.19
CA ALA A 196 32.89 -29.98 -8.30
C ALA A 196 33.47 -29.30 -9.53
N TYR A 197 34.77 -29.53 -9.83
CA TYR A 197 35.41 -28.97 -11.02
C TYR A 197 34.65 -29.37 -12.27
N ASN A 198 34.29 -30.65 -12.36
CA ASN A 198 33.61 -31.13 -13.55
C ASN A 198 32.22 -30.52 -13.65
N GLU A 199 31.49 -30.44 -12.53
CA GLU A 199 30.17 -29.83 -12.51
C GLU A 199 30.24 -28.35 -12.85
N ALA A 200 31.32 -27.66 -12.43
CA ALA A 200 31.47 -26.24 -12.72
C ALA A 200 31.70 -25.98 -14.20
N VAL A 201 32.54 -26.81 -14.85
CA VAL A 201 32.70 -26.75 -16.30
C VAL A 201 31.35 -26.96 -16.97
N LYS A 202 30.61 -27.99 -16.54
CA LYS A 202 29.34 -28.31 -17.18
C LYS A 202 28.38 -27.13 -17.11
N ALA A 203 28.25 -26.54 -15.92
CA ALA A 203 27.22 -25.53 -15.69
C ALA A 203 27.66 -24.13 -16.11
N PHE A 204 28.96 -23.80 -16.05
CA PHE A 204 29.38 -22.42 -16.28
C PHE A 204 30.52 -22.31 -17.26
N GLY A 205 31.03 -23.44 -17.75
CA GLY A 205 32.14 -23.35 -18.66
C GLY A 205 33.48 -22.91 -18.06
N ARG A 206 33.59 -22.83 -16.73
CA ARG A 206 34.87 -22.58 -16.06
C ARG A 206 34.87 -23.43 -14.81
N GLY A 207 35.89 -24.25 -14.66
CA GLY A 207 35.95 -25.10 -13.51
C GLY A 207 36.51 -24.46 -12.27
N ASP A 208 36.94 -23.20 -12.37
CA ASP A 208 37.67 -22.55 -11.29
C ASP A 208 36.92 -22.66 -9.98
N LEU A 209 37.60 -23.20 -8.97
CA LEU A 209 36.98 -23.43 -7.69
C LEU A 209 37.62 -22.58 -6.60
N LEU A 210 36.83 -22.33 -5.58
CA LEU A 210 37.29 -21.67 -4.38
C LEU A 210 37.11 -22.62 -3.22
N LEU A 211 37.92 -22.43 -2.20
CA LEU A 211 37.71 -23.16 -0.98
C LEU A 211 37.52 -22.17 0.14
N GLU A 212 36.61 -22.51 1.04
CA GLU A 212 36.43 -21.70 2.21
C GLU A 212 35.90 -22.67 3.25
N LYS A 213 35.43 -22.15 4.36
CA LYS A 213 35.37 -22.97 5.53
C LYS A 213 33.89 -23.07 5.70
N TYR A 214 33.40 -24.19 6.17
CA TYR A 214 31.98 -24.40 6.01
C TYR A 214 31.27 -24.07 7.30
N ILE A 215 30.30 -23.16 7.18
CA ILE A 215 29.51 -22.66 8.27
C ILE A 215 28.19 -23.39 8.25
N GLU A 216 28.01 -24.19 9.27
CA GLU A 216 26.79 -24.97 9.40
C GLU A 216 25.73 -24.07 10.01
N ASN A 217 24.50 -24.33 9.68
CA ASN A 217 23.41 -23.55 10.21
C ASN A 217 23.51 -22.02 10.17
N PRO A 218 23.89 -21.44 9.04
CA PRO A 218 24.04 -19.98 9.01
C PRO A 218 22.71 -19.28 8.77
N LYS A 219 22.69 -18.01 9.16
CA LYS A 219 21.65 -17.09 8.72
C LYS A 219 22.16 -16.36 7.48
N HIS A 220 21.21 -15.94 6.62
CA HIS A 220 21.49 -15.23 5.37
C HIS A 220 21.08 -13.78 5.63
N ILE A 221 22.07 -12.89 5.67
CA ILE A 221 21.86 -11.45 5.94
C ILE A 221 22.50 -10.70 4.78
N GLU A 222 21.78 -9.79 4.17
CA GLU A 222 22.30 -9.09 3.00
C GLU A 222 22.06 -7.61 3.16
N PHE A 223 23.03 -6.80 2.71
CA PHE A 223 22.97 -5.35 2.77
C PHE A 223 22.71 -4.77 1.38
N GLN A 224 21.89 -3.74 1.35
CA GLN A 224 21.52 -3.02 0.15
C GLN A 224 22.38 -1.75 0.08
N VAL A 225 22.96 -1.45 -1.09
CA VAL A 225 23.63 -0.18 -1.30
C VAL A 225 22.97 0.45 -2.52
N LEU A 226 23.16 1.76 -2.64
CA LEU A 226 22.67 2.58 -3.74
C LEU A 226 23.68 3.72 -3.89
N GLY A 227 24.28 3.86 -5.08
CA GLY A 227 25.25 4.93 -5.33
C GLY A 227 24.93 5.64 -6.64
N ASP A 228 25.22 6.95 -6.68
CA ASP A 228 25.10 7.68 -7.94
C ASP A 228 26.41 7.66 -8.72
N LYS A 229 26.40 8.29 -9.90
CA LYS A 229 27.57 8.24 -10.77
C LYS A 229 28.62 9.28 -10.39
N TYR A 230 28.39 10.02 -9.31
CA TYR A 230 29.36 10.97 -8.79
C TYR A 230 30.01 10.47 -7.52
N GLY A 231 29.81 9.20 -7.16
CA GLY A 231 30.47 8.64 -6.01
C GLY A 231 29.74 8.74 -4.69
N ASN A 232 28.56 9.33 -4.62
CA ASN A 232 27.86 9.30 -3.36
C ASN A 232 27.23 7.92 -3.27
N VAL A 233 27.64 7.12 -2.30
CA VAL A 233 27.07 5.79 -2.09
C VAL A 233 26.57 5.72 -0.66
N ILE A 234 25.33 5.24 -0.48
CA ILE A 234 24.77 4.95 0.82
C ILE A 234 24.37 3.48 0.89
N HIS A 235 24.17 3.01 2.10
CA HIS A 235 23.47 1.76 2.35
C HIS A 235 22.07 2.01 2.89
N LEU A 236 21.20 1.02 2.72
CA LEU A 236 19.82 1.03 3.20
C LEU A 236 19.61 -0.11 4.18
N GLY A 237 20.63 -0.42 4.96
CA GLY A 237 20.47 -1.48 5.94
C GLY A 237 20.42 -2.86 5.30
N GLU A 238 19.83 -3.79 6.04
CA GLU A 238 19.94 -5.19 5.73
C GLU A 238 18.57 -5.85 5.72
N ARG A 239 18.58 -7.05 5.14
CA ARG A 239 17.46 -7.97 5.00
C ARG A 239 17.95 -9.32 5.51
N ASP A 240 17.08 -10.04 6.23
CA ASP A 240 17.34 -11.41 6.63
C ASP A 240 16.51 -12.24 5.67
N CYS A 241 17.16 -13.00 4.81
CA CYS A 241 16.52 -13.85 3.83
C CYS A 241 16.80 -15.32 4.12
N SER A 242 16.93 -15.68 5.40
CA SER A 242 17.36 -17.04 5.74
C SER A 242 16.38 -18.12 5.31
N ILE A 243 15.07 -17.81 5.33
CA ILE A 243 14.02 -18.81 5.10
C ILE A 243 13.91 -19.02 3.60
N GLN A 244 14.56 -20.06 3.14
CA GLN A 244 14.70 -20.34 1.73
C GLN A 244 14.77 -21.85 1.52
N ARG A 245 14.70 -22.25 0.26
CA ARG A 245 14.86 -23.65 -0.12
C ARG A 245 15.70 -23.77 -1.39
N ARG A 246 16.76 -24.56 -1.33
CA ARG A 246 17.58 -24.88 -2.51
C ARG A 246 17.86 -23.59 -3.30
N ASN A 247 18.51 -22.65 -2.63
CA ASN A 247 18.80 -21.32 -3.14
C ASN A 247 17.57 -20.73 -3.87
N GLN A 248 16.43 -20.68 -3.17
CA GLN A 248 15.28 -19.88 -3.58
C GLN A 248 14.72 -19.28 -2.29
N LYS A 249 14.82 -17.96 -2.12
CA LYS A 249 14.29 -17.32 -0.94
C LYS A 249 12.76 -17.36 -0.97
N LEU A 250 12.14 -17.67 0.16
CA LEU A 250 10.69 -17.72 0.28
C LEU A 250 10.11 -16.57 1.11
N VAL A 251 10.78 -16.23 2.23
CA VAL A 251 10.38 -15.16 3.15
C VAL A 251 11.60 -14.28 3.42
N GLU A 252 11.42 -12.99 3.33
CA GLU A 252 12.47 -12.00 3.54
C GLU A 252 11.97 -10.94 4.51
N ILE A 253 12.78 -10.56 5.48
CA ILE A 253 12.39 -9.51 6.42
C ILE A 253 13.43 -8.39 6.41
N ALA A 254 13.00 -7.17 6.78
CA ALA A 254 13.87 -6.01 6.97
C ALA A 254 13.37 -5.22 8.17
N PRO A 255 14.25 -4.74 9.04
CA PRO A 255 15.69 -5.08 9.12
C PRO A 255 15.83 -6.53 9.62
N SER A 256 17.05 -7.07 9.79
CA SER A 256 17.16 -8.33 10.51
C SER A 256 16.81 -8.07 11.97
N LEU A 257 16.45 -9.13 12.70
CA LEU A 257 16.33 -9.10 14.15
C LEU A 257 17.66 -9.38 14.83
N LEU A 258 18.65 -9.84 14.07
CA LEU A 258 19.97 -10.15 14.60
C LEU A 258 20.75 -8.91 15.01
N LEU A 259 20.80 -7.90 14.16
CA LEU A 259 21.75 -6.81 14.35
C LEU A 259 21.20 -5.68 15.23
N THR A 260 22.08 -5.09 16.03
CA THR A 260 21.76 -3.87 16.75
C THR A 260 21.88 -2.72 15.78
N PRO A 261 21.37 -1.54 16.14
CA PRO A 261 21.63 -0.37 15.29
C PRO A 261 23.13 -0.13 15.04
N GLU A 262 23.99 -0.40 16.05
CA GLU A 262 25.44 -0.19 15.93
C GLU A 262 26.06 -1.14 14.94
N GLN A 263 25.68 -2.42 14.99
CA GLN A 263 26.18 -3.37 14.03
C GLN A 263 25.68 -3.06 12.61
N ARG A 264 24.44 -2.56 12.49
CA ARG A 264 23.89 -2.24 11.16
C ARG A 264 24.66 -1.08 10.53
N GLU A 265 24.98 -0.04 11.32
CA GLU A 265 25.78 1.07 10.75
C GLU A 265 27.25 0.69 10.49
N TYR A 266 27.81 -0.25 11.26
CA TYR A 266 29.17 -0.73 11.05
C TYR A 266 29.32 -1.56 9.77
N TYR A 267 28.58 -2.67 9.68
CA TYR A 267 28.64 -3.47 8.46
C TYR A 267 28.15 -2.68 7.25
N GLY A 268 27.14 -1.83 7.43
CA GLY A 268 26.68 -0.95 6.35
C GLY A 268 27.76 0.00 5.82
N SER A 269 28.50 0.66 6.72
CA SER A 269 29.56 1.57 6.26
C SER A 269 30.70 0.78 5.59
N LEU A 270 30.93 -0.44 6.03
CA LEU A 270 31.95 -1.21 5.32
C LEU A 270 31.56 -1.51 3.88
N VAL A 271 30.29 -1.95 3.64
CA VAL A 271 29.93 -2.32 2.27
C VAL A 271 29.85 -1.05 1.44
N VAL A 272 29.51 0.07 2.07
CA VAL A 272 29.61 1.35 1.37
C VAL A 272 31.06 1.61 0.95
N LYS A 273 32.02 1.29 1.81
CA LYS A 273 33.44 1.55 1.52
C LYS A 273 33.86 0.73 0.32
N ALA A 274 33.50 -0.58 0.31
CA ALA A 274 33.87 -1.45 -0.81
C ALA A 274 33.23 -0.96 -2.09
N ALA A 275 31.97 -0.57 -2.01
CA ALA A 275 31.30 -0.13 -3.21
C ALA A 275 32.00 1.08 -3.81
N LYS A 276 32.38 2.06 -2.95
CA LYS A 276 33.13 3.23 -3.42
C LYS A 276 34.47 2.82 -4.00
N GLU A 277 35.08 1.79 -3.44
CA GLU A 277 36.40 1.37 -3.91
C GLU A 277 36.33 0.80 -5.31
N ILE A 278 35.17 0.30 -5.74
CA ILE A 278 35.08 -0.20 -7.09
C ILE A 278 34.31 0.74 -8.00
N GLY A 279 33.99 1.94 -7.54
CA GLY A 279 33.15 2.85 -8.32
C GLY A 279 31.78 2.26 -8.58
N TYR A 280 31.16 1.65 -7.57
CA TYR A 280 29.83 1.11 -7.77
C TYR A 280 28.83 2.24 -7.88
N TYR A 281 27.91 2.13 -8.86
CA TYR A 281 26.70 2.95 -8.83
C TYR A 281 25.52 2.10 -9.31
N SER A 282 24.33 2.69 -9.18
CA SER A 282 23.03 2.03 -9.19
C SER A 282 22.79 1.28 -7.89
N ALA A 283 21.91 0.28 -7.94
CA ALA A 283 21.57 -0.55 -6.79
C ALA A 283 22.39 -1.82 -6.86
N GLY A 284 22.79 -2.31 -5.69
CA GLY A 284 23.43 -3.61 -5.57
C GLY A 284 23.27 -4.13 -4.17
N THR A 285 23.52 -5.42 -4.01
CA THR A 285 23.35 -6.09 -2.72
C THR A 285 24.59 -6.93 -2.41
N MET A 286 25.07 -6.83 -1.19
CA MET A 286 26.14 -7.68 -0.69
C MET A 286 25.55 -8.72 0.25
N GLU A 287 25.70 -9.99 -0.11
CA GLU A 287 25.21 -11.10 0.68
C GLU A 287 26.23 -11.62 1.67
N PHE A 288 25.74 -11.85 2.89
CA PHE A 288 26.51 -12.36 4.00
C PHE A 288 25.85 -13.63 4.57
N ILE A 289 26.67 -14.53 5.09
CA ILE A 289 26.21 -15.55 6.02
C ILE A 289 26.66 -15.12 7.40
N ALA A 290 25.89 -15.48 8.42
CA ALA A 290 26.24 -15.24 9.81
C ALA A 290 26.41 -16.58 10.50
N ASP A 291 27.39 -16.67 11.40
CA ASP A 291 27.66 -17.91 12.12
C ASP A 291 26.86 -18.04 13.43
N GLU A 292 27.12 -19.15 14.15
CA GLU A 292 26.39 -19.43 15.38
C GLU A 292 26.48 -18.26 16.36
N LYS A 293 27.64 -17.58 16.41
CA LYS A 293 27.86 -16.43 17.31
C LYS A 293 27.36 -15.11 16.73
N GLY A 294 26.82 -15.12 15.50
CA GLY A 294 26.32 -13.91 14.91
C GLY A 294 27.30 -13.03 14.17
N ASN A 295 28.52 -13.51 13.87
CA ASN A 295 29.48 -12.79 13.03
C ASN A 295 29.10 -12.93 11.56
N LEU A 296 29.34 -11.87 10.79
CA LEU A 296 28.97 -11.85 9.39
C LEU A 296 30.19 -12.05 8.50
N TYR A 297 30.00 -12.80 7.42
CA TYR A 297 31.00 -13.06 6.41
C TYR A 297 30.37 -12.88 5.04
N PHE A 298 30.99 -12.02 4.22
CA PHE A 298 30.61 -11.79 2.83
C PHE A 298 30.74 -13.08 2.05
N ILE A 299 29.86 -13.31 1.08
CA ILE A 299 29.99 -14.45 0.19
C ILE A 299 29.76 -14.08 -1.27
N GLU A 300 28.88 -13.12 -1.52
CA GLU A 300 28.71 -12.73 -2.92
C GLU A 300 27.89 -11.46 -3.04
N MET A 301 28.01 -10.87 -4.22
CA MET A 301 27.40 -9.61 -4.51
C MET A 301 26.51 -9.73 -5.75
N ASN A 302 25.33 -9.13 -5.68
CA ASN A 302 24.42 -9.04 -6.81
C ASN A 302 24.40 -7.62 -7.34
N THR A 303 24.67 -7.50 -8.63
CA THR A 303 24.88 -6.22 -9.31
C THR A 303 23.63 -5.78 -10.02
N ARG A 304 22.54 -5.76 -9.26
CA ARG A 304 21.20 -5.58 -9.82
C ARG A 304 20.15 -5.34 -8.74
N ILE A 305 18.95 -5.00 -9.19
CA ILE A 305 17.83 -5.00 -8.25
C ILE A 305 17.53 -6.42 -7.82
N GLN A 306 17.16 -6.59 -6.55
CA GLN A 306 16.68 -7.89 -6.10
C GLN A 306 15.16 -7.94 -5.97
N VAL A 307 14.67 -9.18 -6.05
CA VAL A 307 13.25 -9.48 -5.90
C VAL A 307 12.72 -8.85 -4.62
N GLU A 308 13.42 -9.05 -3.51
CA GLU A 308 12.92 -8.65 -2.20
C GLU A 308 13.25 -7.19 -1.82
N HIS A 309 13.62 -6.34 -2.77
CA HIS A 309 13.87 -4.94 -2.45
C HIS A 309 12.68 -4.23 -1.79
N PRO A 310 11.43 -4.62 -1.99
CA PRO A 310 10.37 -3.83 -1.37
C PRO A 310 10.46 -3.77 0.14
N VAL A 311 10.96 -4.77 0.85
CA VAL A 311 10.92 -4.66 2.30
C VAL A 311 11.82 -3.56 2.80
N THR A 312 12.98 -3.35 2.13
CA THR A 312 13.87 -2.24 2.47
C THR A 312 13.22 -0.90 2.15
N GLU A 313 12.48 -0.82 1.04
CA GLU A 313 11.72 0.40 0.76
C GLU A 313 10.70 0.69 1.86
N MET A 314 10.08 -0.36 2.45
CA MET A 314 9.07 -0.08 3.46
C MET A 314 9.67 0.54 4.73
N ILE A 315 10.86 0.10 5.13
CA ILE A 315 11.38 0.60 6.41
C ILE A 315 12.18 1.88 6.32
N THR A 316 12.62 2.26 5.13
CA THR A 316 13.39 3.47 4.94
C THR A 316 12.62 4.53 4.18
N GLY A 317 11.58 4.16 3.41
CA GLY A 317 10.89 5.07 2.52
C GLY A 317 11.65 5.46 1.25
N VAL A 318 12.70 4.75 0.92
CA VAL A 318 13.45 5.04 -0.30
C VAL A 318 12.99 4.12 -1.40
N ASP A 319 12.52 4.75 -2.49
CA ASP A 319 12.07 4.09 -3.70
C ASP A 319 13.27 3.74 -4.54
N ILE A 320 13.70 2.49 -4.38
CA ILE A 320 14.98 2.07 -4.97
C ILE A 320 14.92 2.05 -6.48
N VAL A 321 13.82 1.53 -7.08
CA VAL A 321 13.82 1.41 -8.53
C VAL A 321 13.81 2.78 -9.18
N LYS A 322 13.03 3.73 -8.62
CA LYS A 322 13.00 5.09 -9.17
C LYS A 322 14.36 5.77 -9.07
N TRP A 323 15.07 5.57 -7.95
CA TRP A 323 16.41 6.10 -7.82
C TRP A 323 17.35 5.44 -8.80
N GLN A 324 17.18 4.14 -9.09
CA GLN A 324 17.96 3.55 -10.18
C GLN A 324 17.83 4.35 -11.47
N ILE A 325 16.60 4.68 -11.85
CA ILE A 325 16.37 5.39 -13.11
C ILE A 325 16.96 6.79 -13.06
N ARG A 326 16.74 7.50 -11.93
CA ARG A 326 17.28 8.85 -11.75
C ARG A 326 18.79 8.83 -11.84
N ILE A 327 19.42 7.88 -11.14
CA ILE A 327 20.87 7.78 -11.16
C ILE A 327 21.35 7.54 -12.59
N ALA A 328 20.67 6.66 -13.32
CA ALA A 328 21.15 6.36 -14.67
C ALA A 328 21.12 7.60 -15.56
N ALA A 329 20.22 8.54 -15.29
CA ALA A 329 20.12 9.78 -16.03
C ALA A 329 21.10 10.85 -15.56
N GLY A 330 21.87 10.59 -14.51
CA GLY A 330 22.85 11.51 -14.00
C GLY A 330 22.41 12.31 -12.79
N GLU A 331 21.26 12.01 -12.19
CA GLU A 331 20.91 12.74 -10.97
C GLU A 331 21.87 12.40 -9.84
N ARG A 332 22.06 13.36 -8.94
CA ARG A 332 22.79 13.15 -7.70
C ARG A 332 21.88 12.48 -6.69
N LEU A 333 22.44 11.57 -5.90
CA LEU A 333 21.66 10.96 -4.83
C LEU A 333 21.50 11.98 -3.71
N ARG A 334 20.28 12.48 -3.51
CA ARG A 334 20.12 13.58 -2.55
C ARG A 334 20.49 13.18 -1.12
N TYR A 335 20.24 11.93 -0.72
CA TYR A 335 20.42 11.59 0.70
C TYR A 335 21.89 11.39 1.06
N SER A 336 22.22 11.67 2.32
CA SER A 336 23.42 11.19 2.94
C SER A 336 23.08 10.16 4.04
N GLN A 337 24.12 9.50 4.55
CA GLN A 337 23.86 8.28 5.32
C GLN A 337 23.08 8.59 6.58
N GLU A 338 23.22 9.80 7.13
CA GLU A 338 22.50 10.13 8.35
C GLU A 338 21.06 10.53 8.07
N ASP A 339 20.68 10.75 6.80
CA ASP A 339 19.26 10.91 6.48
C ASP A 339 18.46 9.60 6.52
N ILE A 340 19.12 8.43 6.43
CA ILE A 340 18.44 7.14 6.25
C ILE A 340 18.02 6.57 7.60
N ARG A 341 16.72 6.38 7.83
CA ARG A 341 16.27 5.78 9.07
C ARG A 341 15.56 4.46 8.81
N PHE A 342 15.53 3.65 9.84
CA PHE A 342 14.95 2.32 9.79
C PHE A 342 13.76 2.30 10.75
N ASN A 343 12.56 2.28 10.17
CA ASN A 343 11.32 2.51 10.89
C ASN A 343 10.47 1.25 10.77
N GLY A 344 10.31 0.55 11.88
CA GLY A 344 9.49 -0.62 11.89
C GLY A 344 10.13 -1.85 11.24
N TYR A 345 9.23 -2.79 10.89
CA TYR A 345 9.58 -4.09 10.36
C TYR A 345 8.74 -4.36 9.12
N SER A 346 9.34 -5.06 8.14
CA SER A 346 8.67 -5.45 6.91
C SER A 346 8.98 -6.90 6.59
N ILE A 347 7.94 -7.61 6.15
CA ILE A 347 8.01 -9.00 5.75
C ILE A 347 7.50 -9.10 4.33
N GLU A 348 8.22 -9.84 3.51
CA GLU A 348 7.78 -10.20 2.18
C GLU A 348 7.69 -11.71 2.11
N CYS A 349 6.61 -12.18 1.53
CA CYS A 349 6.41 -13.58 1.21
C CYS A 349 6.27 -13.75 -0.30
N ARG A 350 6.97 -14.74 -0.86
CA ARG A 350 6.85 -15.06 -2.27
C ARG A 350 5.74 -16.07 -2.46
N ILE A 351 4.72 -15.68 -3.23
CA ILE A 351 3.56 -16.48 -3.56
C ILE A 351 3.88 -17.11 -4.91
N ASN A 352 4.31 -18.36 -4.88
CA ASN A 352 4.70 -19.05 -6.09
C ASN A 352 3.67 -20.13 -6.44
N ALA A 353 3.53 -20.37 -7.75
CA ALA A 353 2.78 -21.52 -8.24
C ALA A 353 3.70 -22.76 -8.20
N GLU A 354 3.78 -23.36 -7.01
CA GLU A 354 4.60 -24.54 -6.77
C GLU A 354 3.97 -25.27 -5.59
N ASP A 355 4.31 -26.58 -5.50
CA ASP A 355 3.77 -27.48 -4.49
C ASP A 355 4.84 -27.79 -3.48
N PRO A 356 4.79 -27.22 -2.29
CA PRO A 356 5.83 -27.51 -1.31
C PRO A 356 5.87 -28.96 -0.87
N LYS A 357 4.74 -29.65 -0.95
CA LYS A 357 4.70 -31.06 -0.53
C LYS A 357 5.33 -31.98 -1.57
N LYS A 358 5.55 -31.49 -2.79
CA LYS A 358 6.12 -32.26 -3.88
C LYS A 358 7.43 -31.63 -4.32
N GLY A 359 8.23 -31.23 -3.34
CA GLY A 359 9.54 -30.72 -3.65
C GLY A 359 9.56 -29.32 -4.23
N PHE A 360 8.49 -28.54 -4.04
CA PHE A 360 8.34 -27.24 -4.69
C PHE A 360 8.36 -27.36 -6.21
N ALA A 361 7.87 -28.49 -6.72
CA ALA A 361 7.69 -28.61 -8.15
C ALA A 361 6.75 -27.51 -8.63
N PRO A 362 7.02 -26.91 -9.79
CA PRO A 362 6.13 -25.88 -10.32
C PRO A 362 4.76 -26.44 -10.61
N SER A 363 3.74 -25.64 -10.27
CA SER A 363 2.35 -25.98 -10.49
C SER A 363 1.95 -25.33 -11.81
N ILE A 364 1.96 -26.11 -12.88
CA ILE A 364 1.66 -25.61 -14.20
C ILE A 364 0.15 -25.55 -14.35
N GLY A 365 -0.34 -24.42 -14.86
CA GLY A 365 -1.78 -24.26 -15.02
C GLY A 365 -2.15 -22.80 -15.11
N THR A 366 -3.42 -22.51 -14.80
CA THR A 366 -4.00 -21.19 -14.96
C THR A 366 -4.73 -20.77 -13.70
N ILE A 367 -4.64 -19.48 -13.39
CA ILE A 367 -5.30 -18.92 -12.22
C ILE A 367 -6.79 -18.82 -12.52
N GLU A 368 -7.58 -19.30 -11.59
CA GLU A 368 -9.04 -19.21 -11.68
C GLU A 368 -9.53 -18.13 -10.73
N ARG A 369 -9.69 -18.46 -9.44
CA ARG A 369 -10.02 -17.46 -8.43
C ARG A 369 -8.78 -16.68 -8.00
N TYR A 370 -8.96 -15.37 -7.90
CA TYR A 370 -7.87 -14.46 -7.62
C TYR A 370 -8.44 -13.25 -6.90
N TYR A 371 -8.23 -13.20 -5.59
CA TYR A 371 -8.50 -12.02 -4.79
C TYR A 371 -7.24 -11.62 -4.04
N VAL A 372 -6.85 -10.38 -4.27
CA VAL A 372 -5.64 -9.77 -3.74
C VAL A 372 -6.02 -9.00 -2.47
N PRO A 373 -5.41 -9.30 -1.35
CA PRO A 373 -5.71 -8.56 -0.14
C PRO A 373 -5.06 -7.17 -0.17
N GLY A 374 -5.67 -6.26 0.59
CA GLY A 374 -5.23 -4.88 0.72
C GLY A 374 -5.63 -4.34 2.08
N GLY A 375 -4.98 -3.26 2.50
CA GLY A 375 -5.27 -2.65 3.79
C GLY A 375 -4.09 -1.83 4.30
N PHE A 376 -4.26 -1.38 5.55
CA PHE A 376 -3.22 -0.62 6.24
C PHE A 376 -1.94 -1.46 6.31
N GLY A 377 -0.84 -0.91 5.82
CA GLY A 377 0.43 -1.60 5.88
C GLY A 377 0.56 -2.79 4.95
N ILE A 378 -0.22 -2.85 3.88
CA ILE A 378 -0.11 -3.96 2.93
C ILE A 378 0.24 -3.43 1.55
N ARG A 379 1.23 -4.05 0.94
CA ARG A 379 1.67 -3.77 -0.41
C ARG A 379 1.70 -5.09 -1.16
N VAL A 380 1.29 -5.07 -2.41
CA VAL A 380 1.28 -6.25 -3.25
C VAL A 380 1.98 -5.92 -4.56
N GLU A 381 2.98 -6.72 -4.93
CA GLU A 381 3.63 -6.61 -6.25
C GLU A 381 3.20 -7.83 -7.04
N HIS A 382 2.48 -7.61 -8.15
CA HIS A 382 2.00 -8.74 -8.91
C HIS A 382 1.66 -8.33 -10.33
N ALA A 383 1.51 -9.33 -11.18
CA ALA A 383 1.20 -9.07 -12.59
C ALA A 383 0.11 -10.00 -13.07
N SER A 384 -0.73 -10.46 -12.15
CA SER A 384 -1.62 -11.58 -12.36
C SER A 384 -3.08 -11.18 -12.17
N SER A 385 -3.93 -11.94 -12.84
CA SER A 385 -5.37 -11.82 -12.83
C SER A 385 -5.95 -13.21 -13.06
N LYS A 386 -7.28 -13.34 -13.03
CA LYS A 386 -7.88 -14.60 -13.45
C LYS A 386 -7.41 -14.89 -14.87
N GLY A 387 -6.97 -16.13 -15.12
CA GLY A 387 -6.50 -16.53 -16.43
C GLY A 387 -5.02 -16.37 -16.71
N TYR A 388 -4.24 -15.79 -15.80
CA TYR A 388 -2.77 -15.79 -15.95
C TYR A 388 -2.24 -17.23 -16.00
N GLU A 389 -1.35 -17.49 -16.96
CA GLU A 389 -0.90 -18.85 -17.20
C GLU A 389 0.47 -19.04 -16.55
N ILE A 390 0.59 -20.04 -15.69
CA ILE A 390 1.90 -20.46 -15.21
C ILE A 390 2.41 -21.46 -16.24
N THR A 391 3.41 -21.06 -17.02
CA THR A 391 4.05 -21.83 -18.07
C THR A 391 5.37 -22.40 -17.59
N PRO A 392 5.88 -23.43 -18.27
CA PRO A 392 7.20 -23.95 -17.92
C PRO A 392 8.36 -23.06 -18.36
N TYR A 393 8.13 -22.04 -19.17
CA TYR A 393 9.25 -21.25 -19.70
C TYR A 393 9.78 -20.19 -18.72
N TYR A 394 8.98 -19.76 -17.76
CA TYR A 394 9.31 -18.63 -16.91
C TYR A 394 9.19 -19.03 -15.44
N ASP A 395 9.71 -18.19 -14.54
CA ASP A 395 9.64 -18.53 -13.13
C ASP A 395 8.18 -18.57 -12.66
N SER A 396 7.98 -19.17 -11.48
CA SER A 396 6.63 -19.50 -11.01
C SER A 396 6.03 -18.45 -10.08
N LEU A 397 6.64 -17.27 -9.99
CA LEU A 397 6.17 -16.22 -9.11
C LEU A 397 4.80 -15.71 -9.57
N ILE A 398 3.84 -15.68 -8.66
CA ILE A 398 2.55 -15.04 -8.92
C ILE A 398 2.51 -13.63 -8.37
N ALA A 399 2.97 -13.49 -7.13
CA ALA A 399 2.88 -12.22 -6.44
C ALA A 399 3.85 -12.24 -5.27
N LYS A 400 4.25 -11.04 -4.92
CA LYS A 400 4.94 -10.73 -3.69
C LYS A 400 3.97 -9.96 -2.80
N LEU A 401 3.73 -10.51 -1.62
CA LEU A 401 2.94 -9.89 -0.58
C LEU A 401 3.88 -9.28 0.43
N ILE A 402 3.76 -7.98 0.66
CA ILE A 402 4.66 -7.24 1.53
C ILE A 402 3.86 -6.49 2.58
N VAL A 403 4.31 -6.54 3.83
CA VAL A 403 3.62 -5.88 4.93
C VAL A 403 4.61 -5.05 5.72
N TRP A 404 4.10 -4.05 6.41
CA TRP A 404 4.88 -3.19 7.27
C TRP A 404 4.17 -3.03 8.59
N ALA A 405 4.94 -3.03 9.66
CA ALA A 405 4.32 -2.74 10.95
C ALA A 405 5.35 -2.14 11.88
N PRO A 406 4.90 -1.40 12.91
CA PRO A 406 5.85 -0.77 13.82
C PRO A 406 6.54 -1.75 14.72
N LEU A 407 5.95 -2.91 14.93
CA LEU A 407 6.49 -3.92 15.83
C LEU A 407 6.59 -5.23 15.09
N TRP A 408 7.56 -6.05 15.49
CA TRP A 408 7.81 -7.32 14.80
C TRP A 408 6.55 -8.21 14.86
N GLU A 409 5.94 -8.34 16.05
CA GLU A 409 4.79 -9.25 16.20
C GLU A 409 3.59 -8.81 15.36
N VAL A 410 3.37 -7.51 15.24
CA VAL A 410 2.25 -7.04 14.41
C VAL A 410 2.58 -7.27 12.94
N ALA A 411 3.85 -7.13 12.55
CA ALA A 411 4.16 -7.43 11.16
C ALA A 411 3.80 -8.89 10.85
N VAL A 412 4.13 -9.79 11.76
CA VAL A 412 3.83 -11.20 11.56
C VAL A 412 2.32 -11.41 11.49
N ASP A 413 1.57 -10.80 12.43
CA ASP A 413 0.10 -10.94 12.43
C ASP A 413 -0.52 -10.35 11.17
N ARG A 414 -0.01 -9.18 10.72
CA ARG A 414 -0.51 -8.56 9.50
C ARG A 414 -0.27 -9.45 8.25
N MET A 415 0.91 -10.09 8.17
CA MET A 415 1.23 -10.99 7.06
C MET A 415 0.36 -12.25 7.10
N ARG A 416 0.22 -12.86 8.30
CA ARG A 416 -0.61 -14.05 8.45
C ARG A 416 -2.03 -13.76 8.03
N SER A 417 -2.57 -12.63 8.54
CA SER A 417 -3.92 -12.21 8.24
C SER A 417 -4.07 -11.85 6.77
N ALA A 418 -3.03 -11.30 6.13
CA ALA A 418 -3.14 -11.02 4.70
C ALA A 418 -3.12 -12.31 3.90
N LEU A 419 -2.21 -13.22 4.24
CA LEU A 419 -2.15 -14.51 3.58
C LEU A 419 -3.47 -15.27 3.73
N GLU A 420 -4.09 -15.20 4.92
CA GLU A 420 -5.31 -16.00 5.13
C GLU A 420 -6.46 -15.53 4.25
N THR A 421 -6.36 -14.35 3.65
CA THR A 421 -7.38 -13.81 2.77
C THR A 421 -7.00 -13.77 1.31
N TYR A 422 -5.78 -14.19 0.95
CA TYR A 422 -5.31 -14.11 -0.43
C TYR A 422 -5.81 -15.36 -1.13
N GLU A 423 -6.83 -15.26 -1.97
CA GLU A 423 -7.46 -16.42 -2.58
C GLU A 423 -6.93 -16.66 -3.98
N ILE A 424 -6.31 -17.83 -4.18
CA ILE A 424 -5.84 -18.20 -5.51
C ILE A 424 -6.20 -19.66 -5.74
N SER A 425 -6.89 -19.95 -6.86
CA SER A 425 -7.19 -21.33 -7.24
C SER A 425 -6.76 -21.57 -8.68
N GLY A 426 -6.69 -22.85 -9.05
CA GLY A 426 -6.25 -23.30 -10.37
C GLY A 426 -4.82 -23.81 -10.41
N VAL A 427 -4.03 -23.49 -9.40
CA VAL A 427 -2.68 -23.99 -9.28
C VAL A 427 -2.45 -24.10 -7.80
N LYS A 428 -1.57 -25.00 -7.42
CA LYS A 428 -1.08 -25.07 -6.07
C LYS A 428 -0.15 -23.87 -5.81
N THR A 429 -0.14 -23.40 -4.58
CA THR A 429 0.76 -22.32 -4.25
C THR A 429 1.41 -22.52 -2.89
N THR A 430 2.35 -21.64 -2.59
CA THR A 430 3.02 -21.64 -1.31
C THR A 430 2.19 -21.04 -0.20
N ILE A 431 0.99 -20.52 -0.48
CA ILE A 431 0.26 -19.80 0.57
C ILE A 431 0.08 -20.63 1.84
N PRO A 432 -0.47 -21.88 1.79
CA PRO A 432 -0.64 -22.69 3.02
C PRO A 432 0.67 -22.90 3.79
N LEU A 433 1.77 -23.09 3.08
CA LEU A 433 3.05 -23.20 3.76
C LEU A 433 3.42 -21.90 4.46
N LEU A 434 3.17 -20.75 3.80
CA LEU A 434 3.55 -19.46 4.38
C LEU A 434 2.74 -19.15 5.63
N ILE A 435 1.47 -19.52 5.64
CA ILE A 435 0.63 -19.27 6.80
C ILE A 435 1.16 -20.06 8.00
N ASN A 436 1.49 -21.34 7.78
CA ASN A 436 2.07 -22.10 8.89
C ASN A 436 3.35 -21.47 9.39
N ILE A 437 4.19 -20.94 8.53
CA ILE A 437 5.40 -20.33 8.99
C ILE A 437 5.08 -19.14 9.82
N MET A 438 4.05 -18.39 9.49
CA MET A 438 3.69 -17.25 10.27
C MET A 438 3.09 -17.61 11.63
N LYS A 439 2.53 -18.79 11.77
CA LYS A 439 2.01 -19.25 13.01
C LYS A 439 3.03 -20.00 13.84
N ASP A 440 4.20 -20.27 13.31
CA ASP A 440 5.17 -21.10 14.00
C ASP A 440 5.87 -20.31 15.10
N LYS A 441 6.04 -20.93 16.26
CA LYS A 441 6.59 -20.18 17.39
C LYS A 441 8.01 -19.72 17.12
N ASP A 442 8.83 -20.59 16.52
CA ASP A 442 10.22 -20.19 16.27
C ASP A 442 10.25 -18.98 15.36
N PHE A 443 9.42 -18.98 14.31
CA PHE A 443 9.42 -17.82 13.44
C PHE A 443 9.00 -16.59 14.20
N ARG A 444 7.91 -16.68 14.97
CA ARG A 444 7.43 -15.52 15.71
C ARG A 444 8.49 -15.04 16.70
N ASP A 445 9.22 -15.97 17.31
CA ASP A 445 10.29 -15.59 18.23
C ASP A 445 11.55 -15.07 17.53
N GLY A 446 11.69 -15.27 16.21
CA GLY A 446 12.86 -14.78 15.48
C GLY A 446 13.99 -15.77 15.33
N LYS A 447 13.76 -17.05 15.63
CA LYS A 447 14.78 -18.08 15.59
C LYS A 447 14.62 -18.78 14.24
N PHE A 448 15.42 -18.40 13.25
CA PHE A 448 15.36 -19.14 11.99
C PHE A 448 16.73 -19.00 11.32
N THR A 449 17.14 -20.07 10.65
CA THR A 449 18.38 -20.12 9.90
C THR A 449 18.04 -20.57 8.49
N THR A 450 19.05 -20.65 7.64
CA THR A 450 18.86 -21.25 6.33
C THR A 450 18.35 -22.67 6.40
N ARG A 451 18.41 -23.30 7.57
CA ARG A 451 17.91 -24.66 7.74
C ARG A 451 16.50 -24.67 8.32
N TYR A 452 15.84 -23.52 8.38
CA TYR A 452 14.56 -23.46 9.05
C TYR A 452 13.60 -24.52 8.57
N LEU A 453 13.44 -24.65 7.25
CA LEU A 453 12.43 -25.53 6.69
C LEU A 453 12.72 -27.00 7.00
N GLU A 454 13.95 -27.45 6.72
CA GLU A 454 14.37 -28.78 7.17
C GLU A 454 14.06 -28.98 8.65
N GLU A 455 14.35 -27.98 9.46
CA GLU A 455 14.15 -28.12 10.90
C GLU A 455 12.71 -27.93 11.37
N HIS A 456 11.75 -27.60 10.49
CA HIS A 456 10.36 -27.35 10.88
C HIS A 456 9.41 -28.06 9.93
N PRO A 457 9.53 -29.40 9.79
CA PRO A 457 8.69 -30.11 8.82
C PRO A 457 7.20 -29.98 9.05
N HIS A 458 6.75 -29.56 10.24
CA HIS A 458 5.31 -29.44 10.47
C HIS A 458 4.66 -28.32 9.65
N VAL A 459 5.43 -27.35 9.17
CA VAL A 459 4.83 -26.28 8.39
C VAL A 459 4.42 -26.80 7.02
N PHE A 460 4.92 -27.97 6.65
CA PHE A 460 4.50 -28.59 5.42
C PHE A 460 3.23 -29.42 5.59
N ASP A 461 2.72 -29.55 6.83
CA ASP A 461 1.46 -30.28 7.09
C ASP A 461 0.29 -29.33 7.01
N TYR A 462 -0.43 -29.43 5.93
CA TYR A 462 -1.58 -28.56 5.77
C TYR A 462 -2.56 -29.22 4.83
N ALA A 463 -3.77 -28.67 4.79
CA ALA A 463 -4.86 -29.29 4.03
C ALA A 463 -4.89 -28.81 2.58
N GLU A 464 -5.01 -29.76 1.65
CA GLU A 464 -5.18 -29.49 0.22
C GLU A 464 -3.91 -28.82 -0.30
N MET B 14 -9.35 -7.74 25.85
CA MET B 14 -9.73 -7.79 24.41
C MET B 14 -10.86 -8.74 24.07
N PHE B 15 -11.78 -8.28 23.22
CA PHE B 15 -12.90 -9.13 22.82
C PHE B 15 -12.41 -10.43 22.23
N LYS B 16 -13.16 -11.51 22.51
CA LYS B 16 -12.92 -12.78 21.85
C LYS B 16 -13.62 -12.83 20.51
N LYS B 17 -14.77 -12.16 20.36
CA LYS B 17 -15.50 -12.31 19.12
C LYS B 17 -16.29 -11.06 18.80
N VAL B 18 -16.27 -10.67 17.53
CA VAL B 18 -16.86 -9.43 17.06
C VAL B 18 -17.73 -9.73 15.84
N LEU B 19 -18.93 -9.17 15.84
CA LEU B 19 -19.85 -9.33 14.74
C LEU B 19 -19.77 -8.05 13.92
N VAL B 20 -19.62 -8.19 12.60
CA VAL B 20 -19.49 -7.03 11.72
C VAL B 20 -20.82 -6.86 10.99
N ALA B 21 -21.54 -5.79 11.33
CA ALA B 21 -22.91 -5.57 10.85
C ALA B 21 -22.89 -4.70 9.59
N ASN B 22 -22.18 -5.23 8.60
CA ASN B 22 -21.98 -4.51 7.36
C ASN B 22 -21.50 -5.50 6.31
N ARG B 23 -21.17 -4.99 5.13
CA ARG B 23 -20.81 -5.78 3.97
C ARG B 23 -19.73 -5.03 3.21
N GLY B 24 -19.23 -5.64 2.14
CA GLY B 24 -18.33 -5.00 1.21
C GLY B 24 -16.99 -4.59 1.80
N GLU B 25 -16.45 -3.52 1.26
CA GLU B 25 -15.06 -3.17 1.57
C GLU B 25 -14.92 -2.79 3.04
N ILE B 26 -15.89 -2.10 3.61
CA ILE B 26 -15.75 -1.74 5.02
C ILE B 26 -15.84 -2.99 5.88
N ALA B 27 -16.68 -3.96 5.49
CA ALA B 27 -16.71 -5.18 6.28
C ALA B 27 -15.35 -5.86 6.22
N CYS B 28 -14.72 -5.89 5.06
CA CYS B 28 -13.38 -6.51 4.96
C CYS B 28 -12.32 -5.73 5.74
N ARG B 29 -12.37 -4.38 5.71
CA ARG B 29 -11.46 -3.55 6.52
C ARG B 29 -11.59 -3.91 8.00
N VAL B 30 -12.82 -4.02 8.50
CA VAL B 30 -12.99 -4.29 9.92
C VAL B 30 -12.51 -5.71 10.26
N ILE B 31 -12.85 -6.69 9.38
CA ILE B 31 -12.43 -8.08 9.59
C ILE B 31 -10.89 -8.18 9.63
N ARG B 32 -10.21 -7.44 8.75
CA ARG B 32 -8.75 -7.49 8.75
C ARG B 32 -8.20 -6.97 10.07
N ALA B 33 -8.70 -5.81 10.53
CA ALA B 33 -8.28 -5.30 11.82
C ALA B 33 -8.51 -6.32 12.91
N CYS B 34 -9.68 -6.97 12.90
CA CYS B 34 -9.97 -7.98 13.92
C CYS B 34 -9.01 -9.16 13.81
N LYS B 35 -8.80 -9.68 12.60
CA LYS B 35 -7.88 -10.80 12.44
C LYS B 35 -6.49 -10.46 12.98
N GLU B 36 -5.99 -9.27 12.65
CA GLU B 36 -4.66 -8.86 13.13
C GLU B 36 -4.62 -8.80 14.65
N LEU B 37 -5.75 -8.41 15.29
CA LEU B 37 -5.81 -8.37 16.74
C LEU B 37 -6.01 -9.75 17.35
N GLY B 38 -6.18 -10.79 16.53
CA GLY B 38 -6.47 -12.10 17.04
C GLY B 38 -7.91 -12.38 17.40
N ILE B 39 -8.85 -11.57 16.89
CA ILE B 39 -10.28 -11.69 17.22
C ILE B 39 -11.05 -12.49 16.16
N GLN B 40 -11.89 -13.40 16.63
CA GLN B 40 -12.78 -14.17 15.76
C GLN B 40 -13.90 -13.31 15.19
N THR B 41 -14.19 -13.50 13.91
CA THR B 41 -15.15 -12.62 13.27
C THR B 41 -16.43 -13.33 12.83
N VAL B 42 -17.52 -12.56 12.85
CA VAL B 42 -18.83 -13.01 12.39
C VAL B 42 -19.31 -12.04 11.33
N ALA B 43 -19.59 -12.56 10.15
CA ALA B 43 -20.20 -11.78 9.07
C ALA B 43 -21.69 -12.08 8.99
N ILE B 44 -22.46 -11.13 8.47
CA ILE B 44 -23.87 -11.34 8.13
C ILE B 44 -24.00 -11.03 6.64
N TYR B 45 -24.96 -11.66 5.96
CA TYR B 45 -25.17 -11.38 4.54
C TYR B 45 -26.59 -11.72 4.14
N ASN B 46 -26.94 -11.23 2.96
CA ASN B 46 -28.17 -11.62 2.36
C ASN B 46 -27.92 -12.73 1.35
N GLU B 47 -28.95 -13.59 1.21
CA GLU B 47 -28.85 -14.73 0.31
C GLU B 47 -28.53 -14.34 -1.11
N ILE B 48 -28.82 -13.11 -1.52
CA ILE B 48 -28.42 -12.67 -2.85
C ILE B 48 -26.91 -12.52 -3.00
N GLU B 49 -26.16 -12.61 -1.92
CA GLU B 49 -24.72 -12.38 -1.89
C GLU B 49 -24.00 -13.53 -1.23
N SER B 50 -24.48 -14.74 -1.47
CA SER B 50 -24.03 -15.90 -0.76
C SER B 50 -22.52 -16.00 -1.00
N THR B 51 -22.02 -15.33 -2.03
CA THR B 51 -20.63 -15.40 -2.44
C THR B 51 -19.79 -14.21 -2.01
N ALA B 52 -20.29 -13.31 -1.14
CA ALA B 52 -19.53 -12.09 -0.87
C ALA B 52 -18.14 -12.33 -0.28
N ARG B 53 -17.22 -11.38 -0.57
CA ARG B 53 -15.85 -11.47 -0.08
C ARG B 53 -15.82 -11.43 1.45
N HIS B 54 -16.59 -10.52 2.05
CA HIS B 54 -16.60 -10.42 3.50
C HIS B 54 -17.14 -11.71 4.11
N VAL B 55 -17.97 -12.46 3.39
CA VAL B 55 -18.42 -13.73 3.94
C VAL B 55 -17.26 -14.73 3.98
N LYS B 56 -16.44 -14.75 2.93
CA LYS B 56 -15.31 -15.69 2.90
C LYS B 56 -14.19 -15.30 3.85
N MET B 57 -14.04 -14.00 4.13
CA MET B 57 -12.96 -13.59 5.02
C MET B 57 -13.32 -13.89 6.48
N ALA B 58 -14.59 -13.89 6.87
CA ALA B 58 -14.93 -14.00 8.29
C ALA B 58 -14.75 -15.45 8.75
N ASP B 59 -14.51 -15.63 10.05
CA ASP B 59 -14.47 -16.97 10.63
C ASP B 59 -15.85 -17.65 10.62
N GLU B 60 -16.93 -16.89 10.69
CA GLU B 60 -18.25 -17.51 10.59
C GLU B 60 -19.23 -16.49 10.01
N ALA B 61 -20.21 -16.98 9.26
CA ALA B 61 -21.09 -16.10 8.51
C ALA B 61 -22.53 -16.62 8.53
N TYR B 62 -23.47 -15.72 8.70
CA TYR B 62 -24.88 -16.07 8.75
C TYR B 62 -25.71 -15.22 7.81
N MET B 63 -26.52 -15.88 7.00
CA MET B 63 -27.54 -15.21 6.23
C MET B 63 -28.71 -14.86 7.15
N ILE B 64 -29.03 -13.57 7.25
CA ILE B 64 -30.26 -13.12 7.91
C ILE B 64 -30.93 -12.10 6.99
N GLY B 65 -32.21 -11.83 7.27
CA GLY B 65 -32.97 -10.80 6.59
C GLY B 65 -33.92 -11.32 5.53
N VAL B 66 -35.04 -10.59 5.35
CA VAL B 66 -36.06 -10.98 4.39
C VAL B 66 -35.88 -10.30 3.04
N ASN B 67 -35.01 -9.30 2.95
CA ASN B 67 -34.62 -8.70 1.69
C ASN B 67 -33.21 -8.13 1.83
N PRO B 68 -32.60 -7.70 0.73
CA PRO B 68 -31.14 -7.43 0.80
C PRO B 68 -30.76 -6.32 1.77
N LEU B 69 -31.63 -5.36 2.01
CA LEU B 69 -31.43 -4.26 2.95
C LEU B 69 -31.86 -4.54 4.38
N ASP B 70 -32.95 -5.30 4.56
CA ASP B 70 -33.36 -5.72 5.91
C ASP B 70 -32.26 -6.49 6.60
N THR B 71 -31.45 -7.22 5.82
CA THR B 71 -30.32 -7.91 6.40
C THR B 71 -29.51 -6.99 7.28
N TYR B 72 -29.23 -5.77 6.82
CA TYR B 72 -28.32 -4.91 7.59
C TYR B 72 -29.04 -3.86 8.42
N LEU B 73 -30.35 -3.73 8.28
CA LEU B 73 -31.06 -2.66 8.93
C LEU B 73 -31.98 -3.10 10.06
N ASN B 74 -32.17 -4.40 10.28
CA ASN B 74 -33.00 -4.90 11.38
C ASN B 74 -32.16 -5.04 12.63
N ALA B 75 -32.15 -3.98 13.43
CA ALA B 75 -31.28 -3.97 14.61
C ALA B 75 -31.59 -5.13 15.56
N GLU B 76 -32.88 -5.44 15.77
CA GLU B 76 -33.26 -6.48 16.73
C GLU B 76 -32.74 -7.84 16.29
N ARG B 77 -32.85 -8.15 14.99
CA ARG B 77 -32.35 -9.42 14.52
C ARG B 77 -30.82 -9.50 14.69
N ILE B 78 -30.12 -8.39 14.41
CA ILE B 78 -28.65 -8.42 14.43
C ILE B 78 -28.15 -8.65 15.84
N VAL B 79 -28.75 -7.94 16.81
CA VAL B 79 -28.37 -8.06 18.21
C VAL B 79 -28.69 -9.46 18.74
N ASP B 80 -29.83 -10.04 18.34
CA ASP B 80 -30.10 -11.41 18.79
C ASP B 80 -29.10 -12.39 18.20
N LEU B 81 -28.74 -12.21 16.93
CA LEU B 81 -27.70 -13.07 16.39
C LEU B 81 -26.39 -12.93 17.16
N ALA B 82 -26.00 -11.70 17.48
CA ALA B 82 -24.77 -11.52 18.27
C ALA B 82 -24.81 -12.34 19.56
N LEU B 83 -25.96 -12.31 20.25
CA LEU B 83 -26.16 -13.06 21.48
C LEU B 83 -26.11 -14.54 21.20
N GLU B 84 -26.84 -14.97 20.17
CA GLU B 84 -26.89 -16.38 19.82
C GLU B 84 -25.49 -16.98 19.60
N VAL B 85 -24.58 -16.23 18.95
CA VAL B 85 -23.30 -16.83 18.59
C VAL B 85 -22.17 -16.41 19.55
N GLY B 86 -22.48 -15.67 20.59
CA GLY B 86 -21.40 -15.31 21.52
C GLY B 86 -20.53 -14.13 21.12
N ALA B 87 -20.99 -13.29 20.21
CA ALA B 87 -20.27 -12.09 19.86
C ALA B 87 -20.38 -11.08 21.01
N GLU B 88 -19.25 -10.58 21.47
CA GLU B 88 -19.21 -9.65 22.59
C GLU B 88 -19.32 -8.20 22.13
N ALA B 89 -19.22 -7.94 20.84
CA ALA B 89 -19.23 -6.57 20.36
C ALA B 89 -19.64 -6.58 18.90
N ILE B 90 -20.11 -5.44 18.45
CA ILE B 90 -20.51 -5.26 17.07
C ILE B 90 -19.84 -4.02 16.52
N HIS B 91 -19.26 -4.15 15.31
CA HIS B 91 -18.78 -3.02 14.53
C HIS B 91 -19.81 -2.77 13.45
N PRO B 92 -20.34 -1.54 13.35
CA PRO B 92 -21.41 -1.25 12.38
C PRO B 92 -20.90 -0.78 11.05
N GLY B 93 -19.59 -0.55 10.94
CA GLY B 93 -19.05 -0.03 9.69
C GLY B 93 -19.45 1.43 9.53
N TYR B 94 -19.90 1.78 8.31
CA TYR B 94 -20.44 3.08 7.96
C TYR B 94 -21.73 2.83 7.20
N GLY B 95 -22.60 3.83 7.19
CA GLY B 95 -23.94 3.64 6.63
C GLY B 95 -24.76 2.66 7.47
N PHE B 96 -25.86 2.22 6.87
CA PHE B 96 -26.82 1.35 7.55
C PHE B 96 -27.16 1.85 8.94
N LEU B 97 -26.74 1.11 9.96
CA LEU B 97 -27.11 1.42 11.33
C LEU B 97 -26.01 2.11 12.11
N ALA B 98 -24.93 2.54 11.46
CA ALA B 98 -23.76 3.01 12.24
C ALA B 98 -24.10 4.27 13.05
N GLU B 99 -24.97 5.14 12.54
CA GLU B 99 -25.39 6.33 13.29
C GLU B 99 -26.84 6.20 13.75
N ASN B 100 -27.27 4.97 14.05
CA ASN B 100 -28.60 4.70 14.59
C ASN B 100 -28.52 4.52 16.11
N GLU B 101 -28.99 5.53 16.84
CA GLU B 101 -28.83 5.53 18.29
C GLU B 101 -29.56 4.36 18.95
N HIS B 102 -30.67 3.89 18.36
CA HIS B 102 -31.43 2.79 18.93
C HIS B 102 -30.71 1.46 18.79
N PHE B 103 -30.02 1.25 17.66
CA PHE B 103 -29.17 0.06 17.55
C PHE B 103 -28.14 0.02 18.66
N ALA B 104 -27.44 1.13 18.86
CA ALA B 104 -26.36 1.14 19.84
C ALA B 104 -26.90 0.96 21.25
N ARG B 105 -27.98 1.68 21.58
CA ARG B 105 -28.65 1.49 22.87
C ARG B 105 -29.10 0.05 23.05
N LEU B 106 -29.67 -0.54 22.01
CA LEU B 106 -30.09 -1.93 22.15
C LEU B 106 -28.91 -2.85 22.42
N CYS B 107 -27.77 -2.66 21.71
CA CYS B 107 -26.58 -3.44 22.03
C CYS B 107 -26.24 -3.34 23.50
N GLU B 108 -26.10 -2.11 24.00
CA GLU B 108 -25.78 -1.91 25.41
C GLU B 108 -26.83 -2.55 26.31
N GLU B 109 -28.11 -2.40 25.97
CA GLU B 109 -29.14 -2.95 26.84
C GLU B 109 -29.07 -4.48 26.93
N LYS B 110 -28.38 -5.13 25.99
CA LYS B 110 -28.27 -6.59 25.96
C LYS B 110 -26.88 -7.06 26.33
N GLY B 111 -25.99 -6.17 26.69
CA GLY B 111 -24.69 -6.58 27.13
C GLY B 111 -23.64 -6.73 26.05
N ILE B 112 -23.92 -6.27 24.84
CA ILE B 112 -22.99 -6.26 23.74
C ILE B 112 -22.43 -4.86 23.58
N THR B 113 -21.09 -4.77 23.49
CA THR B 113 -20.43 -3.50 23.21
C THR B 113 -20.60 -3.11 21.74
N PHE B 114 -21.13 -1.93 21.52
CA PHE B 114 -21.17 -1.29 20.21
C PHE B 114 -19.86 -0.54 20.01
N ILE B 115 -19.16 -0.83 18.92
CA ILE B 115 -17.85 -0.22 18.60
C ILE B 115 -18.14 1.14 17.93
N GLY B 116 -18.13 2.18 18.76
CA GLY B 116 -18.53 3.49 18.35
C GLY B 116 -18.76 4.32 19.60
N PRO B 117 -19.13 5.58 19.43
CA PRO B 117 -19.42 6.44 20.58
C PRO B 117 -20.67 5.96 21.32
N HIS B 118 -20.87 6.54 22.50
CA HIS B 118 -22.04 6.23 23.32
C HIS B 118 -23.35 6.57 22.59
N TRP B 119 -24.37 5.77 22.82
CA TRP B 119 -25.62 6.01 22.09
C TRP B 119 -26.20 7.38 22.37
N LYS B 120 -25.95 7.95 23.55
CA LYS B 120 -26.46 9.29 23.82
C LYS B 120 -25.82 10.32 22.90
N VAL B 121 -24.54 10.14 22.59
CA VAL B 121 -23.83 11.05 21.70
C VAL B 121 -24.31 10.87 20.27
N ILE B 122 -24.49 9.63 19.83
CA ILE B 122 -25.04 9.38 18.51
C ILE B 122 -26.35 10.14 18.38
N GLU B 123 -27.21 10.06 19.40
CA GLU B 123 -28.50 10.75 19.33
C GLU B 123 -28.34 12.26 19.28
N LEU B 124 -27.52 12.83 20.19
CA LEU B 124 -27.30 14.27 20.23
C LEU B 124 -26.81 14.82 18.89
N MET B 125 -25.76 14.21 18.34
CA MET B 125 -25.17 14.73 17.12
C MET B 125 -25.89 14.27 15.86
N GLY B 126 -26.94 13.46 15.99
CA GLY B 126 -27.76 13.15 14.82
C GLY B 126 -28.70 14.27 14.39
N ASP B 127 -28.95 15.25 15.24
CA ASP B 127 -29.83 16.34 14.83
C ASP B 127 -28.95 17.52 14.46
N LYS B 128 -29.11 17.98 13.22
CA LYS B 128 -28.19 18.92 12.63
C LYS B 128 -28.13 20.23 13.41
N ALA B 129 -29.29 20.69 13.89
CA ALA B 129 -29.41 21.96 14.58
C ALA B 129 -28.84 21.87 16.00
N ARG B 130 -29.28 20.87 16.75
CA ARG B 130 -28.71 20.63 18.07
C ARG B 130 -27.20 20.52 17.98
N SER B 131 -26.70 19.80 16.98
CA SER B 131 -25.27 19.62 16.85
C SER B 131 -24.60 20.95 16.55
N LYS B 132 -25.23 21.84 15.78
CA LYS B 132 -24.62 23.14 15.56
C LYS B 132 -24.62 23.96 16.85
N GLU B 133 -25.72 23.90 17.60
CA GLU B 133 -25.77 24.60 18.88
C GLU B 133 -24.75 24.04 19.86
N VAL B 134 -24.70 22.71 19.97
CA VAL B 134 -23.71 22.08 20.82
C VAL B 134 -22.32 22.63 20.50
N MET B 135 -21.98 22.73 19.20
CA MET B 135 -20.64 23.16 18.77
C MET B 135 -20.40 24.63 19.02
N LYS B 136 -21.41 25.47 18.75
CA LYS B 136 -21.35 26.90 19.10
C LYS B 136 -20.98 27.09 20.56
N ARG B 137 -21.64 26.37 21.44
CA ARG B 137 -21.33 26.50 22.84
C ARG B 137 -19.94 25.97 23.21
N ALA B 138 -19.33 25.09 22.41
CA ALA B 138 -18.00 24.58 22.74
C ALA B 138 -16.89 25.46 22.20
N GLY B 139 -17.21 26.43 21.38
CA GLY B 139 -16.21 27.28 20.77
C GLY B 139 -15.85 26.98 19.35
N VAL B 140 -16.47 26.01 18.71
CA VAL B 140 -16.19 25.71 17.32
C VAL B 140 -16.98 26.66 16.44
N PRO B 141 -16.37 27.32 15.45
CA PRO B 141 -17.13 28.22 14.60
C PRO B 141 -18.21 27.52 13.80
N THR B 142 -19.39 28.13 13.78
CA THR B 142 -20.54 27.71 13.02
C THR B 142 -20.82 28.81 11.99
N VAL B 143 -21.69 28.53 11.04
CA VAL B 143 -21.98 29.58 10.06
C VAL B 143 -22.70 30.72 10.77
N PRO B 144 -22.21 31.95 10.69
CA PRO B 144 -22.89 33.05 11.37
C PRO B 144 -24.22 33.38 10.70
N GLY B 145 -25.14 33.83 11.53
CA GLY B 145 -26.41 34.34 11.05
C GLY B 145 -27.23 34.84 12.21
N SER B 146 -28.56 34.93 12.00
CA SER B 146 -29.42 35.34 13.08
C SER B 146 -29.46 34.25 14.13
N ASP B 147 -29.67 34.63 15.38
CA ASP B 147 -29.95 33.62 16.42
C ASP B 147 -31.44 33.35 16.36
N GLY B 148 -31.83 32.40 15.50
CA GLY B 148 -33.26 32.19 15.30
C GLY B 148 -33.88 33.26 14.41
N ILE B 149 -35.16 33.52 14.68
CA ILE B 149 -35.96 34.38 13.84
C ILE B 149 -35.48 35.81 13.96
N LEU B 150 -35.39 36.50 12.85
CA LEU B 150 -35.07 37.92 12.88
C LEU B 150 -36.20 38.77 13.46
N LYS B 151 -35.85 39.71 14.36
CA LYS B 151 -36.87 40.57 14.95
C LYS B 151 -37.53 41.46 13.90
N ASP B 152 -36.76 41.96 12.94
CA ASP B 152 -37.27 42.90 11.95
C ASP B 152 -36.14 43.24 10.98
N VAL B 153 -36.46 44.03 9.95
CA VAL B 153 -35.46 44.28 8.92
C VAL B 153 -34.27 45.09 9.47
N GLU B 154 -34.50 45.96 10.48
CA GLU B 154 -33.38 46.71 11.06
C GLU B 154 -32.31 45.77 11.64
N GLU B 155 -32.76 44.76 12.41
CA GLU B 155 -31.82 43.74 12.91
C GLU B 155 -31.19 42.95 11.77
N ALA B 156 -31.92 42.75 10.66
CA ALA B 156 -31.35 42.05 9.52
C ALA B 156 -30.15 42.79 8.97
N LYS B 157 -30.29 44.10 8.82
CA LYS B 157 -29.26 44.95 8.25
C LYS B 157 -27.99 44.94 9.11
N ARG B 158 -28.17 44.96 10.44
CA ARG B 158 -27.01 45.05 11.30
C ARG B 158 -26.32 43.70 11.47
N ILE B 159 -27.10 42.61 11.55
CA ILE B 159 -26.48 41.29 11.61
C ILE B 159 -25.71 41.01 10.33
N ALA B 160 -26.30 41.36 9.19
CA ALA B 160 -25.62 41.11 7.93
C ALA B 160 -24.34 41.90 7.83
N LYS B 161 -24.40 43.21 8.14
CA LYS B 161 -23.21 44.05 8.12
C LYS B 161 -22.10 43.46 9.00
N GLU B 162 -22.46 42.94 10.17
CA GLU B 162 -21.56 42.33 11.10
C GLU B 162 -20.98 41.03 10.56
N ILE B 163 -21.75 40.21 9.81
CA ILE B 163 -21.21 38.93 9.39
C ILE B 163 -20.64 39.00 7.99
N GLY B 164 -20.96 40.04 7.23
CA GLY B 164 -20.36 40.22 5.93
C GLY B 164 -21.21 39.65 4.82
N TYR B 165 -21.43 40.44 3.78
CA TYR B 165 -22.16 40.04 2.60
C TYR B 165 -21.28 39.12 1.77
N PRO B 166 -21.85 38.31 0.87
CA PRO B 166 -23.30 38.11 0.65
C PRO B 166 -23.98 37.34 1.81
N VAL B 167 -25.31 37.51 1.98
CA VAL B 167 -26.03 36.78 3.01
C VAL B 167 -27.27 36.15 2.40
N LEU B 168 -27.83 35.19 3.15
CA LEU B 168 -28.98 34.43 2.69
C LEU B 168 -30.15 34.69 3.60
N LEU B 169 -31.34 34.81 3.01
CA LEU B 169 -32.59 34.90 3.74
C LEU B 169 -33.51 33.72 3.40
N LYS B 170 -34.14 33.14 4.43
CA LYS B 170 -35.18 32.13 4.20
C LYS B 170 -36.26 32.20 5.27
N ALA B 171 -37.47 31.82 4.87
CA ALA B 171 -38.58 31.78 5.81
C ALA B 171 -38.35 30.73 6.86
N SER B 172 -38.79 31.03 8.09
CA SER B 172 -38.65 30.04 9.17
C SER B 172 -39.67 28.90 9.01
N ALA B 173 -40.86 29.24 8.55
CA ALA B 173 -41.90 28.28 8.26
C ALA B 173 -41.72 27.64 6.88
N GLY B 174 -42.27 26.46 6.72
CA GLY B 174 -42.56 25.95 5.40
C GLY B 174 -41.57 25.01 4.74
N GLY B 175 -40.52 24.59 5.43
CA GLY B 175 -39.57 23.62 4.88
C GLY B 175 -39.01 23.89 3.50
N GLY B 176 -38.92 25.17 3.13
CA GLY B 176 -38.37 25.57 1.85
C GLY B 176 -39.34 25.54 0.68
N GLY B 177 -40.65 25.58 0.94
CA GLY B 177 -41.64 25.58 -0.14
C GLY B 177 -41.50 26.82 -1.00
N ARG B 178 -41.06 27.92 -0.38
CA ARG B 178 -40.64 29.15 -0.99
C ARG B 178 -39.13 29.09 -0.72
N GLY B 179 -38.30 29.49 -1.70
CA GLY B 179 -36.85 29.31 -1.60
C GLY B 179 -36.01 30.30 -0.83
N ILE B 180 -34.77 30.41 -1.25
CA ILE B 180 -33.79 31.27 -0.60
C ILE B 180 -33.56 32.51 -1.45
N ARG B 181 -33.16 33.59 -0.81
CA ARG B 181 -32.80 34.80 -1.52
C ARG B 181 -31.38 35.16 -1.12
N ILE B 182 -30.59 35.58 -2.12
CA ILE B 182 -29.20 35.99 -1.94
C ILE B 182 -29.13 37.52 -2.00
N SER B 183 -28.45 38.14 -1.05
CA SER B 183 -28.29 39.59 -1.00
C SER B 183 -26.80 39.93 -0.96
N ARG B 184 -26.34 40.72 -1.92
CA ARG B 184 -24.94 41.15 -2.02
C ARG B 184 -24.66 42.53 -1.44
N ASN B 185 -25.68 43.27 -1.05
CA ASN B 185 -25.56 44.58 -0.42
C ASN B 185 -26.86 44.88 0.32
N GLU B 186 -26.89 46.02 1.03
CA GLU B 186 -28.04 46.34 1.88
C GLU B 186 -29.27 46.68 1.08
N GLU B 187 -29.11 47.27 -0.11
CA GLU B 187 -30.29 47.50 -0.94
C GLU B 187 -30.97 46.16 -1.24
N GLU B 188 -30.23 45.19 -1.76
CA GLU B 188 -30.81 43.87 -2.03
C GLU B 188 -31.37 43.21 -0.78
N LEU B 189 -30.71 43.38 0.35
CA LEU B 189 -31.21 42.77 1.58
C LEU B 189 -32.59 43.34 1.92
N VAL B 190 -32.78 44.66 1.79
CA VAL B 190 -34.06 45.24 2.18
C VAL B 190 -35.17 44.72 1.28
N ARG B 191 -34.94 44.75 -0.03
CA ARG B 191 -35.93 44.28 -0.99
C ARG B 191 -36.25 42.80 -0.81
N ASN B 192 -35.20 41.98 -0.61
CA ASN B 192 -35.35 40.54 -0.44
C ASN B 192 -36.08 40.25 0.87
N TYR B 193 -35.84 41.06 1.90
CA TYR B 193 -36.53 40.83 3.15
C TYR B 193 -38.05 41.06 2.98
N GLU B 194 -38.42 42.16 2.32
CA GLU B 194 -39.83 42.48 2.17
C GLU B 194 -40.52 41.39 1.37
N ASN B 195 -39.88 40.97 0.27
CA ASN B 195 -40.41 39.98 -0.63
C ASN B 195 -40.47 38.60 -0.01
N ALA B 196 -39.43 38.18 0.69
CA ALA B 196 -39.49 36.90 1.36
C ALA B 196 -40.53 36.92 2.48
N TYR B 197 -40.67 38.06 3.17
CA TYR B 197 -41.67 38.19 4.21
C TYR B 197 -43.09 37.97 3.66
N ASN B 198 -43.41 38.70 2.59
CA ASN B 198 -44.72 38.64 1.96
C ASN B 198 -45.01 37.28 1.32
N GLU B 199 -44.01 36.68 0.65
CA GLU B 199 -44.19 35.36 0.07
C GLU B 199 -44.47 34.35 1.15
N ALA B 200 -43.77 34.46 2.29
CA ALA B 200 -43.95 33.55 3.41
C ALA B 200 -45.32 33.78 4.09
N VAL B 201 -45.78 35.04 4.19
CA VAL B 201 -47.16 35.31 4.68
C VAL B 201 -48.17 34.63 3.76
N LYS B 202 -48.05 34.89 2.45
CA LYS B 202 -48.95 34.29 1.46
C LYS B 202 -48.89 32.76 1.53
N ALA B 203 -47.67 32.21 1.60
CA ALA B 203 -47.53 30.77 1.47
C ALA B 203 -47.75 30.03 2.79
N PHE B 204 -47.39 30.62 3.93
CA PHE B 204 -47.44 29.90 5.21
C PHE B 204 -48.12 30.68 6.31
N GLY B 205 -48.63 31.88 6.03
CA GLY B 205 -49.29 32.65 7.05
C GLY B 205 -48.41 33.23 8.14
N ARG B 206 -47.07 33.17 8.00
CA ARG B 206 -46.13 33.83 8.91
C ARG B 206 -44.94 34.35 8.09
N GLY B 207 -44.63 35.62 8.26
CA GLY B 207 -43.55 36.22 7.50
C GLY B 207 -42.17 36.00 8.06
N ASP B 208 -42.04 35.40 9.23
CA ASP B 208 -40.76 35.31 9.93
C ASP B 208 -39.64 34.70 9.09
N LEU B 209 -38.49 35.39 9.09
CA LEU B 209 -37.32 35.02 8.29
C LEU B 209 -36.08 34.72 9.13
N LEU B 210 -35.16 33.97 8.51
CA LEU B 210 -33.89 33.59 9.08
C LEU B 210 -32.80 34.06 8.14
N LEU B 211 -31.64 34.40 8.70
CA LEU B 211 -30.55 34.91 7.88
C LEU B 211 -29.26 34.21 8.23
N GLU B 212 -28.44 33.95 7.21
CA GLU B 212 -27.15 33.38 7.49
C GLU B 212 -26.16 33.84 6.46
N LYS B 213 -24.89 33.83 6.86
CA LYS B 213 -23.83 34.20 5.92
C LYS B 213 -23.80 33.22 4.76
N TYR B 214 -23.55 33.73 3.57
CA TYR B 214 -23.45 32.90 2.37
C TYR B 214 -21.97 32.67 2.03
N ILE B 215 -21.57 31.39 2.09
CA ILE B 215 -20.21 30.95 1.79
C ILE B 215 -20.26 30.51 0.33
N GLU B 216 -19.88 31.36 -0.59
CA GLU B 216 -19.91 30.99 -2.00
C GLU B 216 -18.67 30.14 -2.43
N ASN B 217 -18.87 29.29 -3.43
CA ASN B 217 -17.75 28.52 -3.99
C ASN B 217 -16.92 27.91 -2.89
N PRO B 218 -17.53 27.20 -1.92
CA PRO B 218 -16.77 26.75 -0.75
C PRO B 218 -16.08 25.41 -0.98
N LYS B 219 -15.08 25.14 -0.14
CA LYS B 219 -14.47 23.84 -0.01
C LYS B 219 -15.07 23.04 1.15
N HIS B 220 -14.89 21.72 1.08
CA HIS B 220 -15.32 20.75 2.07
C HIS B 220 -14.08 20.25 2.78
N ILE B 221 -13.96 20.61 4.04
CA ILE B 221 -12.85 20.26 4.88
C ILE B 221 -13.38 19.57 6.11
N GLU B 222 -12.78 18.45 6.51
CA GLU B 222 -13.26 17.76 7.69
C GLU B 222 -12.10 17.35 8.59
N PHE B 223 -12.36 17.40 9.89
CA PHE B 223 -11.37 17.04 10.89
C PHE B 223 -11.71 15.72 11.52
N GLN B 224 -10.69 14.92 11.75
CA GLN B 224 -10.85 13.60 12.33
C GLN B 224 -10.49 13.64 13.80
N VAL B 225 -11.31 13.03 14.63
CA VAL B 225 -10.98 12.91 16.05
C VAL B 225 -11.02 11.45 16.45
N LEU B 226 -10.35 11.14 17.55
CA LEU B 226 -10.30 9.80 18.11
C LEU B 226 -10.16 9.94 19.61
N GLY B 227 -11.07 9.36 20.39
CA GLY B 227 -10.98 9.44 21.84
C GLY B 227 -11.21 8.10 22.50
N ASP B 228 -10.52 7.90 23.63
CA ASP B 228 -10.77 6.70 24.40
C ASP B 228 -11.89 6.96 25.41
N LYS B 229 -12.18 5.97 26.25
CA LYS B 229 -13.28 6.06 27.21
C LYS B 229 -12.87 6.77 28.51
N TYR B 230 -11.63 7.24 28.57
CA TYR B 230 -11.10 7.97 29.71
C TYR B 230 -10.96 9.46 29.44
N GLY B 231 -11.50 9.93 28.33
CA GLY B 231 -11.45 11.33 28.06
C GLY B 231 -10.24 11.81 27.32
N ASN B 232 -9.29 10.93 27.02
CA ASN B 232 -8.16 11.36 26.21
C ASN B 232 -8.62 11.42 24.77
N VAL B 233 -8.68 12.62 24.20
CA VAL B 233 -9.14 12.82 22.83
C VAL B 233 -8.04 13.53 22.07
N ILE B 234 -7.69 13.03 20.88
CA ILE B 234 -6.77 13.71 19.97
C ILE B 234 -7.49 13.96 18.66
N HIS B 235 -6.93 14.86 17.84
CA HIS B 235 -7.32 14.94 16.44
C HIS B 235 -6.22 14.33 15.57
N LEU B 236 -6.57 13.95 14.34
CA LEU B 236 -5.63 13.40 13.37
C LEU B 236 -5.62 14.26 12.11
N GLY B 237 -5.80 15.54 12.27
CA GLY B 237 -5.77 16.42 11.14
C GLY B 237 -7.04 16.36 10.33
N GLU B 238 -6.89 16.80 9.09
CA GLU B 238 -8.02 17.07 8.25
C GLU B 238 -7.83 16.46 6.88
N ARG B 239 -8.96 16.46 6.19
CA ARG B 239 -9.13 15.94 4.86
C ARG B 239 -9.86 17.00 4.09
N ASP B 240 -9.46 17.19 2.84
CA ASP B 240 -10.17 18.02 1.88
C ASP B 240 -10.95 17.07 0.97
N CYS B 241 -12.28 17.15 1.04
CA CYS B 241 -13.18 16.30 0.25
C CYS B 241 -14.02 17.13 -0.71
N SER B 242 -13.48 18.24 -1.21
CA SER B 242 -14.27 19.16 -2.02
C SER B 242 -14.75 18.56 -3.32
N ILE B 243 -13.96 17.67 -3.92
CA ILE B 243 -14.31 17.11 -5.24
C ILE B 243 -15.35 16.01 -5.02
N GLN B 244 -16.59 16.34 -5.29
CA GLN B 244 -17.72 15.48 -5.03
C GLN B 244 -18.72 15.71 -6.14
N ARG B 245 -19.66 14.77 -6.24
CA ARG B 245 -20.76 14.83 -7.17
C ARG B 245 -22.02 14.39 -6.41
N ARG B 246 -23.10 15.19 -6.49
CA ARG B 246 -24.43 14.92 -5.89
C ARG B 246 -24.31 14.62 -4.40
N ASN B 247 -23.59 15.55 -3.73
CA ASN B 247 -23.09 15.43 -2.37
C ASN B 247 -22.58 13.99 -2.18
N GLN B 248 -21.77 13.56 -3.14
CA GLN B 248 -21.15 12.24 -3.07
C GLN B 248 -19.67 12.47 -3.36
N LYS B 249 -18.86 12.19 -2.37
CA LYS B 249 -17.43 12.40 -2.48
C LYS B 249 -16.86 11.46 -3.52
N LEU B 250 -15.95 11.98 -4.34
CA LEU B 250 -15.24 11.19 -5.34
C LEU B 250 -13.76 11.03 -5.09
N VAL B 251 -13.12 12.13 -4.69
CA VAL B 251 -11.69 12.25 -4.41
C VAL B 251 -11.53 12.95 -3.08
N GLU B 252 -10.69 12.39 -2.20
CA GLU B 252 -10.39 12.91 -0.87
C GLU B 252 -8.89 12.98 -0.69
N ILE B 253 -8.38 14.10 -0.13
CA ILE B 253 -6.96 14.25 0.14
C ILE B 253 -6.71 14.58 1.61
N ALA B 254 -5.53 14.20 2.09
CA ALA B 254 -5.11 14.54 3.42
C ALA B 254 -3.63 14.89 3.33
N PRO B 255 -3.18 15.95 4.02
CA PRO B 255 -3.96 16.99 4.68
C PRO B 255 -4.61 17.82 3.58
N SER B 256 -5.37 18.86 3.94
CA SER B 256 -5.77 19.81 2.91
C SER B 256 -4.55 20.61 2.51
N LEU B 257 -4.59 21.17 1.30
CA LEU B 257 -3.65 22.19 0.87
C LEU B 257 -4.01 23.58 1.37
N LEU B 258 -5.23 23.76 1.93
CA LEU B 258 -5.71 25.08 2.37
C LEU B 258 -5.07 25.52 3.67
N LEU B 259 -5.08 24.65 4.67
CA LEU B 259 -4.68 25.05 6.00
C LEU B 259 -3.17 25.05 6.14
N THR B 260 -2.70 25.96 6.97
CA THR B 260 -1.33 25.97 7.43
C THR B 260 -1.21 25.10 8.66
N PRO B 261 0.01 24.71 9.06
CA PRO B 261 0.15 23.98 10.34
C PRO B 261 -0.42 24.73 11.53
N GLU B 262 -0.28 26.06 11.57
CA GLU B 262 -0.88 26.83 12.67
C GLU B 262 -2.40 26.71 12.63
N GLN B 263 -2.97 26.90 11.44
CA GLN B 263 -4.41 26.77 11.31
C GLN B 263 -4.88 25.35 11.59
N ARG B 264 -4.09 24.33 11.23
CA ARG B 264 -4.49 22.95 11.48
C ARG B 264 -4.60 22.65 12.97
N GLU B 265 -3.62 23.10 13.75
CA GLU B 265 -3.64 22.87 15.18
C GLU B 265 -4.64 23.77 15.88
N TYR B 266 -4.93 24.92 15.30
CA TYR B 266 -5.93 25.80 15.90
C TYR B 266 -7.31 25.14 15.83
N TYR B 267 -7.78 24.88 14.60
CA TYR B 267 -9.08 24.23 14.43
C TYR B 267 -9.11 22.85 15.06
N GLY B 268 -7.97 22.13 15.02
CA GLY B 268 -7.92 20.80 15.60
C GLY B 268 -8.15 20.76 17.09
N SER B 269 -7.49 21.66 17.83
CA SER B 269 -7.68 21.69 19.29
C SER B 269 -9.10 22.13 19.65
N LEU B 270 -9.73 22.95 18.82
CA LEU B 270 -11.13 23.28 19.08
C LEU B 270 -12.04 22.08 18.93
N VAL B 271 -11.85 21.26 17.89
CA VAL B 271 -12.76 20.12 17.74
C VAL B 271 -12.49 19.13 18.87
N VAL B 272 -11.24 19.07 19.34
CA VAL B 272 -10.88 18.22 20.48
C VAL B 272 -11.59 18.69 21.74
N LYS B 273 -11.65 20.01 21.95
CA LYS B 273 -12.37 20.55 23.10
C LYS B 273 -13.84 20.18 23.05
N ALA B 274 -14.51 20.45 21.92
CA ALA B 274 -15.93 20.11 21.78
C ALA B 274 -16.18 18.63 22.01
N ALA B 275 -15.36 17.76 21.42
CA ALA B 275 -15.51 16.32 21.65
C ALA B 275 -15.33 15.97 23.12
N LYS B 276 -14.34 16.58 23.78
CA LYS B 276 -14.16 16.30 25.21
C LYS B 276 -15.38 16.73 25.99
N GLU B 277 -16.02 17.83 25.59
CA GLU B 277 -17.21 18.37 26.29
C GLU B 277 -18.45 17.53 26.07
N ILE B 278 -18.51 16.78 24.98
CA ILE B 278 -19.68 15.93 24.78
C ILE B 278 -19.41 14.49 25.18
N GLY B 279 -18.27 14.23 25.80
CA GLY B 279 -17.93 12.85 26.12
C GLY B 279 -17.78 11.94 24.92
N TYR B 280 -17.28 12.48 23.79
CA TYR B 280 -17.07 11.65 22.60
C TYR B 280 -15.92 10.68 22.81
N TYR B 281 -16.11 9.42 22.39
CA TYR B 281 -15.03 8.44 22.22
C TYR B 281 -15.33 7.55 20.99
N SER B 282 -14.35 6.72 20.63
CA SER B 282 -14.26 6.08 19.31
C SER B 282 -13.83 7.11 18.26
N ALA B 283 -14.12 6.87 16.99
CA ALA B 283 -13.77 7.74 15.88
C ALA B 283 -14.95 8.64 15.49
N GLY B 284 -14.67 9.86 15.12
CA GLY B 284 -15.67 10.77 14.60
C GLY B 284 -15.02 11.83 13.74
N THR B 285 -15.88 12.51 12.99
CA THR B 285 -15.47 13.53 12.04
C THR B 285 -16.33 14.77 12.16
N MET B 286 -15.72 15.95 12.16
CA MET B 286 -16.43 17.22 12.06
C MET B 286 -16.24 17.78 10.66
N GLU B 287 -17.33 17.92 9.93
CA GLU B 287 -17.27 18.46 8.57
C GLU B 287 -17.51 19.96 8.62
N PHE B 288 -16.68 20.69 7.86
CA PHE B 288 -16.75 22.14 7.75
C PHE B 288 -16.84 22.55 6.28
N ILE B 289 -17.42 23.72 6.03
CA ILE B 289 -17.28 24.42 4.75
C ILE B 289 -16.20 25.46 4.97
N ALA B 290 -15.43 25.71 3.92
CA ALA B 290 -14.28 26.61 4.00
C ALA B 290 -14.28 27.60 2.84
N ASP B 291 -13.83 28.82 3.15
CA ASP B 291 -13.64 29.91 2.19
C ASP B 291 -12.19 29.94 1.66
N GLU B 292 -11.91 30.96 0.84
CA GLU B 292 -10.58 31.13 0.25
C GLU B 292 -9.48 31.32 1.32
N LYS B 293 -9.76 32.06 2.40
CA LYS B 293 -8.77 32.42 3.42
C LYS B 293 -8.56 31.35 4.49
N GLY B 294 -9.26 30.23 4.42
CA GLY B 294 -9.11 29.26 5.47
C GLY B 294 -10.04 29.48 6.64
N ASN B 295 -11.10 30.28 6.46
CA ASN B 295 -12.15 30.31 7.47
C ASN B 295 -13.02 29.07 7.33
N LEU B 296 -13.23 28.40 8.46
CA LEU B 296 -14.04 27.20 8.53
C LEU B 296 -15.29 27.41 9.38
N TYR B 297 -16.36 26.72 8.98
CA TYR B 297 -17.64 26.78 9.66
C TYR B 297 -18.20 25.37 9.77
N PHE B 298 -18.50 24.93 10.98
CA PHE B 298 -19.01 23.58 11.20
C PHE B 298 -20.36 23.42 10.50
N ILE B 299 -20.59 22.22 9.98
CA ILE B 299 -21.86 21.90 9.37
C ILE B 299 -22.49 20.64 9.94
N GLU B 300 -21.68 19.63 10.25
CA GLU B 300 -22.22 18.39 10.79
C GLU B 300 -21.11 17.49 11.29
N MET B 301 -21.49 16.55 12.12
CA MET B 301 -20.57 15.57 12.67
C MET B 301 -21.06 14.20 12.24
N ASN B 302 -20.13 13.34 11.82
CA ASN B 302 -20.41 11.94 11.51
C ASN B 302 -19.82 11.14 12.66
N THR B 303 -20.66 10.38 13.33
CA THR B 303 -20.28 9.73 14.59
C THR B 303 -19.94 8.25 14.35
N ARG B 304 -19.03 8.01 13.42
CA ARG B 304 -18.74 6.71 12.85
C ARG B 304 -17.43 6.91 12.08
N ILE B 305 -16.85 5.79 11.65
CA ILE B 305 -15.75 5.81 10.71
C ILE B 305 -16.31 6.30 9.38
N GLN B 306 -15.48 7.01 8.64
CA GLN B 306 -15.82 7.42 7.28
C GLN B 306 -15.13 6.61 6.22
N VAL B 307 -15.75 6.63 5.04
CA VAL B 307 -15.22 5.91 3.89
C VAL B 307 -13.76 6.30 3.66
N GLU B 308 -13.47 7.59 3.72
CA GLU B 308 -12.17 8.11 3.34
C GLU B 308 -11.18 8.17 4.51
N HIS B 309 -11.42 7.43 5.58
CA HIS B 309 -10.45 7.41 6.66
C HIS B 309 -9.03 7.00 6.26
N PRO B 310 -8.79 6.21 5.21
CA PRO B 310 -7.40 5.79 4.93
C PRO B 310 -6.44 6.93 4.61
N VAL B 311 -6.88 8.02 3.99
CA VAL B 311 -5.90 9.07 3.63
C VAL B 311 -5.33 9.66 4.91
N THR B 312 -6.14 9.73 5.97
CA THR B 312 -5.61 10.21 7.24
C THR B 312 -4.63 9.19 7.84
N GLU B 313 -4.91 7.89 7.69
CA GLU B 313 -4.01 6.87 8.18
C GLU B 313 -2.66 6.89 7.48
N MET B 314 -2.64 7.24 6.22
CA MET B 314 -1.39 7.21 5.49
C MET B 314 -0.45 8.32 5.97
N ILE B 315 -1.00 9.49 6.33
CA ILE B 315 -0.14 10.63 6.68
C ILE B 315 0.20 10.67 8.15
N THR B 316 -0.55 9.97 9.00
CA THR B 316 -0.27 9.97 10.43
C THR B 316 0.27 8.63 10.90
N GLY B 317 0.07 7.56 10.14
CA GLY B 317 0.48 6.24 10.61
C GLY B 317 -0.38 5.64 11.70
N VAL B 318 -1.56 6.19 11.98
CA VAL B 318 -2.48 5.67 12.99
C VAL B 318 -3.55 4.81 12.33
N ASP B 319 -3.71 3.57 12.82
CA ASP B 319 -4.72 2.62 12.35
C ASP B 319 -6.04 2.93 13.06
N ILE B 320 -6.90 3.68 12.38
CA ILE B 320 -8.08 4.20 13.08
C ILE B 320 -9.03 3.07 13.45
N VAL B 321 -9.27 2.16 12.50
CA VAL B 321 -10.24 1.10 12.75
C VAL B 321 -9.78 0.21 13.88
N LYS B 322 -8.49 -0.13 13.89
CA LYS B 322 -7.96 -0.96 14.96
C LYS B 322 -8.07 -0.24 16.30
N TRP B 323 -7.85 1.08 16.29
CA TRP B 323 -8.01 1.84 17.53
C TRP B 323 -9.48 1.84 17.99
N GLN B 324 -10.44 1.91 17.07
CA GLN B 324 -11.83 1.78 17.49
C GLN B 324 -12.04 0.53 18.34
N ILE B 325 -11.55 -0.60 17.86
CA ILE B 325 -11.77 -1.86 18.56
C ILE B 325 -11.02 -1.84 19.89
N ARG B 326 -9.78 -1.37 19.88
CA ARG B 326 -9.03 -1.29 21.13
C ARG B 326 -9.75 -0.39 22.11
N ILE B 327 -10.25 0.75 21.65
CA ILE B 327 -10.95 1.69 22.52
C ILE B 327 -12.20 1.09 23.08
N ALA B 328 -12.99 0.41 22.24
CA ALA B 328 -14.24 -0.20 22.70
C ALA B 328 -13.97 -1.30 23.71
N ALA B 329 -12.80 -1.94 23.67
CA ALA B 329 -12.49 -2.93 24.66
C ALA B 329 -11.91 -2.33 25.94
N GLY B 330 -11.75 -1.01 26.00
CA GLY B 330 -11.30 -0.34 27.20
C GLY B 330 -9.84 0.06 27.26
N GLU B 331 -9.06 -0.11 26.18
CA GLU B 331 -7.67 0.34 26.18
C GLU B 331 -7.62 1.85 26.22
N ARG B 332 -6.51 2.39 26.74
CA ARG B 332 -6.25 3.82 26.69
C ARG B 332 -5.69 4.22 25.33
N LEU B 333 -6.10 5.37 24.85
CA LEU B 333 -5.41 5.93 23.69
C LEU B 333 -4.03 6.36 24.16
N ARG B 334 -3.00 5.61 23.73
CA ARG B 334 -1.63 5.83 24.21
C ARG B 334 -1.07 7.18 23.81
N TYR B 335 -1.26 7.59 22.57
CA TYR B 335 -0.68 8.84 22.14
C TYR B 335 -1.29 10.08 22.82
N SER B 336 -0.54 11.17 22.68
CA SER B 336 -0.96 12.52 23.04
C SER B 336 -0.85 13.36 21.77
N GLN B 337 -1.49 14.53 21.79
CA GLN B 337 -1.53 15.33 20.58
C GLN B 337 -0.16 15.68 20.03
N GLU B 338 0.90 15.68 20.84
CA GLU B 338 2.16 16.05 20.22
C GLU B 338 2.92 14.87 19.66
N ASP B 339 2.38 13.68 19.77
CA ASP B 339 2.91 12.52 19.07
C ASP B 339 2.36 12.43 17.65
N ILE B 340 1.32 13.19 17.34
CA ILE B 340 0.71 13.13 16.02
C ILE B 340 1.46 14.04 15.06
N ARG B 341 1.97 13.45 13.97
CA ARG B 341 2.70 14.20 12.97
C ARG B 341 2.02 13.96 11.63
N PHE B 342 2.10 14.93 10.72
CA PHE B 342 1.49 14.84 9.41
C PHE B 342 2.61 14.80 8.39
N ASN B 343 2.78 13.63 7.77
CA ASN B 343 3.92 13.28 6.92
C ASN B 343 3.40 12.99 5.50
N GLY B 344 3.74 13.88 4.60
CA GLY B 344 3.44 13.71 3.20
C GLY B 344 1.98 14.03 2.91
N TYR B 345 1.55 13.58 1.75
CA TYR B 345 0.24 13.79 1.20
C TYR B 345 -0.30 12.46 0.75
N SER B 346 -1.61 12.31 0.92
CA SER B 346 -2.36 11.11 0.52
C SER B 346 -3.65 11.46 -0.23
N ILE B 347 -3.91 10.73 -1.30
CA ILE B 347 -5.09 10.89 -2.10
C ILE B 347 -5.85 9.56 -2.16
N GLU B 348 -7.18 9.61 -2.01
CA GLU B 348 -8.09 8.49 -2.23
C GLU B 348 -9.04 8.81 -3.38
N CYS B 349 -9.22 7.84 -4.27
CA CYS B 349 -10.18 7.90 -5.35
C CYS B 349 -11.18 6.77 -5.17
N ARG B 350 -12.47 7.09 -5.30
CA ARG B 350 -13.53 6.10 -5.23
C ARG B 350 -13.75 5.54 -6.62
N ILE B 351 -13.52 4.24 -6.77
CA ILE B 351 -13.72 3.53 -8.03
C ILE B 351 -15.14 2.97 -7.92
N ASN B 352 -16.11 3.62 -8.56
CA ASN B 352 -17.49 3.20 -8.46
C ASN B 352 -17.91 2.55 -9.76
N ALA B 353 -18.79 1.56 -9.66
CA ALA B 353 -19.43 1.03 -10.85
C ALA B 353 -20.61 1.97 -11.19
N GLU B 354 -20.29 3.05 -11.91
CA GLU B 354 -21.28 4.03 -12.34
C GLU B 354 -20.69 4.75 -13.54
N ASP B 355 -21.58 5.33 -14.34
CA ASP B 355 -21.16 5.93 -15.59
C ASP B 355 -21.14 7.44 -15.51
N PRO B 356 -19.96 8.07 -15.42
CA PRO B 356 -19.94 9.53 -15.28
C PRO B 356 -20.54 10.24 -16.48
N LYS B 357 -20.52 9.64 -17.67
CA LYS B 357 -21.14 10.28 -18.81
C LYS B 357 -22.66 10.12 -18.84
N LYS B 358 -23.25 9.29 -17.98
CA LYS B 358 -24.72 9.18 -17.95
C LYS B 358 -25.26 9.47 -16.56
N GLY B 359 -24.78 10.56 -15.96
CA GLY B 359 -25.28 11.04 -14.68
C GLY B 359 -24.81 10.28 -13.48
N PHE B 360 -23.69 9.56 -13.62
CA PHE B 360 -23.17 8.70 -12.57
C PHE B 360 -24.20 7.65 -12.17
N ALA B 361 -25.02 7.25 -13.16
CA ALA B 361 -25.94 6.14 -12.99
C ALA B 361 -25.14 4.88 -12.70
N PRO B 362 -25.60 4.03 -11.79
CA PRO B 362 -24.90 2.76 -11.52
C PRO B 362 -24.87 1.85 -12.75
N SER B 363 -23.70 1.24 -12.98
CA SER B 363 -23.48 0.33 -14.11
C SER B 363 -23.66 -1.05 -13.50
N ILE B 364 -24.86 -1.59 -13.65
CA ILE B 364 -25.26 -2.84 -13.02
C ILE B 364 -24.82 -3.98 -13.91
N GLY B 365 -24.23 -4.99 -13.30
CA GLY B 365 -23.68 -6.08 -14.09
C GLY B 365 -22.61 -6.79 -13.27
N THR B 366 -21.71 -7.43 -14.00
CA THR B 366 -20.74 -8.29 -13.36
C THR B 366 -19.34 -7.98 -13.86
N ILE B 367 -18.38 -8.00 -12.93
CA ILE B 367 -16.99 -7.69 -13.24
C ILE B 367 -16.38 -8.85 -14.02
N GLU B 368 -15.76 -8.52 -15.16
CA GLU B 368 -15.10 -9.50 -16.02
C GLU B 368 -13.59 -9.35 -15.78
N ARG B 369 -12.89 -8.45 -16.46
CA ARG B 369 -11.48 -8.25 -16.24
C ARG B 369 -11.31 -7.41 -14.97
N TYR B 370 -10.37 -7.81 -14.14
CA TYR B 370 -10.17 -7.15 -12.85
C TYR B 370 -8.70 -7.31 -12.50
N TYR B 371 -7.94 -6.21 -12.66
CA TYR B 371 -6.57 -6.13 -12.21
C TYR B 371 -6.40 -4.95 -11.27
N VAL B 372 -5.93 -5.26 -10.06
CA VAL B 372 -5.75 -4.30 -8.98
C VAL B 372 -4.27 -3.86 -8.99
N PRO B 373 -3.97 -2.57 -9.09
CA PRO B 373 -2.58 -2.13 -9.07
C PRO B 373 -1.94 -2.22 -7.70
N GLY B 374 -0.62 -2.30 -7.68
CA GLY B 374 0.10 -2.38 -6.43
C GLY B 374 1.45 -1.74 -6.61
N GLY B 375 2.07 -1.39 -5.49
CA GLY B 375 3.38 -0.80 -5.52
C GLY B 375 3.64 0.06 -4.29
N PHE B 376 4.81 0.69 -4.34
CA PHE B 376 5.30 1.61 -3.34
C PHE B 376 4.32 2.76 -3.21
N GLY B 377 3.88 2.99 -1.99
CA GLY B 377 2.92 4.04 -1.72
C GLY B 377 1.54 3.81 -2.22
N ILE B 378 1.17 2.56 -2.50
CA ILE B 378 -0.17 2.24 -3.02
C ILE B 378 -0.91 1.29 -2.10
N ARG B 379 -2.14 1.64 -1.76
CA ARG B 379 -3.02 0.84 -0.89
C ARG B 379 -4.35 0.68 -1.57
N VAL B 380 -4.93 -0.53 -1.44
CA VAL B 380 -6.21 -0.81 -2.06
C VAL B 380 -7.13 -1.41 -1.03
N GLU B 381 -8.29 -0.81 -0.90
CA GLU B 381 -9.38 -1.32 -0.08
C GLU B 381 -10.49 -1.79 -1.03
N HIS B 382 -10.78 -3.09 -1.03
CA HIS B 382 -11.77 -3.57 -1.95
C HIS B 382 -12.25 -4.95 -1.50
N ALA B 383 -13.38 -5.31 -2.08
CA ALA B 383 -13.99 -6.60 -1.84
C ALA B 383 -14.37 -7.24 -3.18
N SER B 384 -13.63 -6.93 -4.24
CA SER B 384 -14.03 -7.28 -5.59
C SER B 384 -13.06 -8.31 -6.18
N SER B 385 -13.60 -9.14 -7.08
CA SER B 385 -12.88 -10.12 -7.89
C SER B 385 -13.62 -10.24 -9.22
N LYS B 386 -13.06 -11.03 -10.15
CA LYS B 386 -13.82 -11.36 -11.35
C LYS B 386 -15.13 -12.01 -10.91
N GLY B 387 -16.24 -11.55 -11.47
CA GLY B 387 -17.53 -12.12 -11.12
C GLY B 387 -18.27 -11.44 -9.97
N TYR B 388 -17.68 -10.45 -9.32
CA TYR B 388 -18.42 -9.64 -8.35
C TYR B 388 -19.57 -8.95 -9.07
N GLU B 389 -20.74 -8.96 -8.46
CA GLU B 389 -21.95 -8.48 -9.12
C GLU B 389 -22.35 -7.14 -8.52
N ILE B 390 -22.52 -6.13 -9.36
CA ILE B 390 -23.04 -4.85 -8.91
C ILE B 390 -24.56 -4.90 -9.00
N THR B 391 -25.26 -4.84 -7.82
CA THR B 391 -26.71 -4.88 -7.80
C THR B 391 -27.30 -3.50 -7.54
N PRO B 392 -28.57 -3.31 -7.88
CA PRO B 392 -29.23 -2.05 -7.54
C PRO B 392 -29.50 -1.94 -6.05
N TYR B 393 -29.38 -3.02 -5.29
CA TYR B 393 -29.74 -2.93 -3.87
C TYR B 393 -28.68 -2.24 -3.01
N TYR B 394 -27.41 -2.21 -3.44
CA TYR B 394 -26.33 -1.73 -2.60
C TYR B 394 -25.54 -0.65 -3.33
N ASP B 395 -24.69 0.04 -2.58
CA ASP B 395 -23.91 1.11 -3.18
C ASP B 395 -23.00 0.57 -4.28
N SER B 396 -22.53 1.47 -5.12
CA SER B 396 -21.84 1.10 -6.33
C SER B 396 -20.30 1.08 -6.19
N LEU B 397 -19.79 1.21 -4.98
CA LEU B 397 -18.35 1.19 -4.76
C LEU B 397 -17.75 -0.17 -5.05
N ILE B 398 -16.77 -0.20 -5.96
CA ILE B 398 -15.93 -1.36 -6.24
C ILE B 398 -14.65 -1.33 -5.40
N ALA B 399 -13.99 -0.18 -5.34
CA ALA B 399 -12.73 -0.16 -4.64
C ALA B 399 -12.38 1.27 -4.28
N LYS B 400 -11.59 1.41 -3.23
CA LYS B 400 -10.94 2.66 -2.89
C LYS B 400 -9.45 2.50 -3.21
N LEU B 401 -8.93 3.36 -4.11
CA LEU B 401 -7.52 3.36 -4.48
C LEU B 401 -6.85 4.48 -3.69
N ILE B 402 -5.84 4.14 -2.88
CA ILE B 402 -5.22 5.10 -1.98
C ILE B 402 -3.72 5.16 -2.25
N VAL B 403 -3.18 6.38 -2.24
CA VAL B 403 -1.78 6.64 -2.55
C VAL B 403 -1.14 7.55 -1.49
N TRP B 404 0.14 7.35 -1.26
CA TRP B 404 0.87 8.20 -0.35
C TRP B 404 2.15 8.64 -1.06
N ALA B 405 2.59 9.88 -0.84
CA ALA B 405 3.87 10.36 -1.35
C ALA B 405 4.34 11.55 -0.48
N PRO B 406 5.66 11.85 -0.46
CA PRO B 406 6.16 12.98 0.38
C PRO B 406 5.79 14.34 -0.18
N LEU B 407 5.51 14.43 -1.46
CA LEU B 407 5.19 15.68 -2.11
C LEU B 407 3.85 15.54 -2.80
N TRP B 408 3.15 16.69 -2.89
CA TRP B 408 1.81 16.77 -3.43
C TRP B 408 1.81 16.31 -4.90
N GLU B 409 2.76 16.85 -5.69
CA GLU B 409 2.79 16.53 -7.12
C GLU B 409 3.10 15.05 -7.38
N VAL B 410 3.97 14.44 -6.54
CA VAL B 410 4.29 13.03 -6.69
C VAL B 410 3.05 12.16 -6.33
N ALA B 411 2.29 12.56 -5.30
CA ALA B 411 1.04 11.85 -4.98
C ALA B 411 0.09 11.86 -6.16
N VAL B 412 -0.02 13.00 -6.83
CA VAL B 412 -0.89 13.13 -7.98
C VAL B 412 -0.44 12.19 -9.08
N ASP B 413 0.87 12.18 -9.35
CA ASP B 413 1.45 11.31 -10.38
C ASP B 413 1.29 9.82 -10.06
N ARG B 414 1.54 9.43 -8.81
CA ARG B 414 1.31 8.06 -8.37
C ARG B 414 -0.15 7.66 -8.54
N MET B 415 -1.08 8.56 -8.16
CA MET B 415 -2.49 8.25 -8.33
C MET B 415 -2.83 8.11 -9.80
N ARG B 416 -2.38 9.05 -10.62
CA ARG B 416 -2.67 8.97 -12.05
C ARG B 416 -2.15 7.65 -12.60
N SER B 417 -0.92 7.31 -12.22
CA SER B 417 -0.29 6.11 -12.74
C SER B 417 -0.97 4.85 -12.23
N ALA B 418 -1.42 4.84 -10.97
CA ALA B 418 -2.15 3.65 -10.49
C ALA B 418 -3.48 3.48 -11.22
N LEU B 419 -4.24 4.57 -11.34
CA LEU B 419 -5.52 4.51 -12.04
C LEU B 419 -5.35 4.03 -13.46
N GLU B 420 -4.30 4.52 -14.15
CA GLU B 420 -4.09 4.19 -15.56
C GLU B 420 -3.76 2.71 -15.76
N THR B 421 -3.41 1.99 -14.71
CA THR B 421 -3.15 0.56 -14.82
C THR B 421 -4.26 -0.26 -14.16
N TYR B 422 -5.31 0.36 -13.60
CA TYR B 422 -6.40 -0.37 -12.93
C TYR B 422 -7.37 -0.88 -13.98
N GLU B 423 -7.42 -2.20 -14.24
CA GLU B 423 -8.29 -2.72 -15.30
C GLU B 423 -9.58 -3.30 -14.72
N ILE B 424 -10.71 -2.74 -15.12
CA ILE B 424 -12.02 -3.26 -14.74
C ILE B 424 -12.91 -3.25 -15.98
N SER B 425 -13.49 -4.38 -16.29
CA SER B 425 -14.41 -4.48 -17.41
C SER B 425 -15.64 -5.21 -16.94
N GLY B 426 -16.69 -5.13 -17.74
CA GLY B 426 -18.00 -5.68 -17.44
C GLY B 426 -19.00 -4.66 -16.94
N VAL B 427 -18.51 -3.49 -16.52
CA VAL B 427 -19.32 -2.41 -15.99
C VAL B 427 -18.57 -1.11 -16.28
N LYS B 428 -19.31 -0.02 -16.44
CA LYS B 428 -18.67 1.29 -16.52
C LYS B 428 -18.13 1.67 -15.14
N THR B 429 -17.06 2.46 -15.10
CA THR B 429 -16.60 2.89 -13.80
C THR B 429 -16.18 4.33 -13.90
N THR B 430 -15.85 4.92 -12.75
CA THR B 430 -15.31 6.29 -12.70
C THR B 430 -13.83 6.45 -13.10
N ILE B 431 -13.10 5.37 -13.42
CA ILE B 431 -11.65 5.45 -13.60
C ILE B 431 -11.23 6.47 -14.67
N PRO B 432 -11.75 6.41 -15.90
CA PRO B 432 -11.33 7.42 -16.91
C PRO B 432 -11.53 8.86 -16.45
N LEU B 433 -12.63 9.13 -15.76
CA LEU B 433 -12.85 10.46 -15.19
C LEU B 433 -11.77 10.79 -14.17
N LEU B 434 -11.47 9.83 -13.29
CA LEU B 434 -10.50 10.12 -12.26
C LEU B 434 -9.13 10.35 -12.87
N ILE B 435 -8.83 9.66 -13.98
CA ILE B 435 -7.56 9.87 -14.67
C ILE B 435 -7.49 11.29 -15.21
N ASN B 436 -8.60 11.77 -15.81
CA ASN B 436 -8.62 13.15 -16.33
C ASN B 436 -8.48 14.16 -15.22
N ILE B 437 -9.07 13.92 -14.07
CA ILE B 437 -8.84 14.84 -12.95
C ILE B 437 -7.37 14.91 -12.55
N MET B 438 -6.69 13.75 -12.49
CA MET B 438 -5.29 13.74 -12.10
C MET B 438 -4.42 14.52 -13.11
N LYS B 439 -4.86 14.59 -14.35
CA LYS B 439 -4.14 15.27 -15.45
C LYS B 439 -4.51 16.74 -15.58
N ASP B 440 -5.50 17.20 -14.83
CA ASP B 440 -6.00 18.55 -15.00
C ASP B 440 -5.13 19.56 -14.26
N LYS B 441 -4.82 20.69 -14.93
CA LYS B 441 -3.87 21.64 -14.36
C LYS B 441 -4.37 22.23 -13.05
N ASP B 442 -5.65 22.59 -12.97
CA ASP B 442 -6.19 23.17 -11.74
C ASP B 442 -6.08 22.19 -10.57
N PHE B 443 -6.42 20.91 -10.79
CA PHE B 443 -6.30 19.92 -9.71
C PHE B 443 -4.84 19.79 -9.27
N ARG B 444 -3.94 19.67 -10.24
CA ARG B 444 -2.52 19.56 -9.90
C ARG B 444 -2.04 20.81 -9.16
N ASP B 445 -2.58 21.99 -9.51
CA ASP B 445 -2.28 23.26 -8.83
C ASP B 445 -2.90 23.35 -7.45
N GLY B 446 -3.85 22.47 -7.10
CA GLY B 446 -4.49 22.52 -5.80
C GLY B 446 -5.72 23.42 -5.77
N LYS B 447 -6.20 23.85 -6.92
CA LYS B 447 -7.27 24.83 -7.02
C LYS B 447 -8.54 24.05 -7.32
N PHE B 448 -9.30 23.76 -6.27
CA PHE B 448 -10.58 23.12 -6.51
C PHE B 448 -11.52 23.42 -5.34
N THR B 449 -12.83 23.51 -5.67
CA THR B 449 -13.89 23.72 -4.69
C THR B 449 -14.92 22.63 -4.90
N THR B 450 -15.99 22.66 -4.10
CA THR B 450 -17.10 21.73 -4.30
C THR B 450 -17.79 21.84 -5.67
N ARG B 451 -17.53 22.88 -6.46
CA ARG B 451 -18.08 23.02 -7.81
C ARG B 451 -17.10 22.60 -8.88
N TYR B 452 -15.99 21.95 -8.47
CA TYR B 452 -14.92 21.61 -9.41
C TYR B 452 -15.45 20.93 -10.67
N LEU B 453 -16.28 19.91 -10.48
CA LEU B 453 -16.75 19.14 -11.62
C LEU B 453 -17.59 20.01 -12.56
N GLU B 454 -18.55 20.77 -12.01
CA GLU B 454 -19.28 21.75 -12.80
C GLU B 454 -18.32 22.64 -13.58
N GLU B 455 -17.26 23.10 -12.90
CA GLU B 455 -16.31 24.03 -13.49
C GLU B 455 -15.27 23.38 -14.42
N HIS B 456 -15.21 22.05 -14.56
CA HIS B 456 -14.16 21.42 -15.36
C HIS B 456 -14.77 20.29 -16.20
N PRO B 457 -15.75 20.61 -17.06
CA PRO B 457 -16.39 19.57 -17.85
C PRO B 457 -15.49 18.86 -18.81
N HIS B 458 -14.30 19.41 -19.09
CA HIS B 458 -13.37 18.69 -19.96
C HIS B 458 -12.94 17.35 -19.35
N VAL B 459 -13.04 17.18 -18.03
CA VAL B 459 -12.64 15.90 -17.46
C VAL B 459 -13.61 14.78 -17.82
N PHE B 460 -14.80 15.09 -18.36
CA PHE B 460 -15.75 14.09 -18.84
C PHE B 460 -15.47 13.69 -20.28
N ASP B 461 -14.47 14.30 -20.92
CA ASP B 461 -14.10 13.96 -22.28
C ASP B 461 -13.08 12.82 -22.27
N TYR B 462 -13.57 11.61 -22.54
CA TYR B 462 -12.73 10.42 -22.70
C TYR B 462 -13.50 9.51 -23.65
N ALA B 463 -12.77 8.60 -24.32
CA ALA B 463 -13.33 7.78 -25.42
C ALA B 463 -13.85 6.43 -24.92
N GLU B 464 -15.02 6.04 -25.45
CA GLU B 464 -15.58 4.70 -25.17
C GLU B 464 -14.56 3.59 -24.89
P PO4 C . 16.90 -12.74 -5.65
O1 PO4 C . 15.83 -13.82 -5.68
O2 PO4 C . 18.18 -13.25 -6.15
O3 PO4 C . 17.01 -12.44 -4.16
O4 PO4 C . 16.58 -11.45 -6.41
N9 ADP D . 27.12 -20.74 1.22
C8 ADP D . 28.16 -20.11 0.62
N7 ADP D . 29.29 -20.17 1.38
C5 ADP D . 28.93 -20.86 2.48
C6 ADP D . 29.64 -21.28 3.69
N6 ADP D . 30.94 -20.94 3.80
N1 ADP D . 28.97 -21.97 4.62
C2 ADP D . 27.67 -22.29 4.49
N3 ADP D . 26.94 -21.93 3.41
C4 ADP D . 27.52 -21.24 2.40
H8 ADP D . 28.09 -19.61 -0.34
HN61 ADP D . 31.40 -20.41 3.07
HN62 ADP D . 31.44 -21.21 4.62
H2 ADP D . 27.20 -22.85 5.28
P PO4 E . -18.70 9.40 3.92
O1 PO4 E . -20.08 9.79 4.42
O2 PO4 E . -18.24 8.29 4.84
O3 PO4 E . -17.70 10.52 3.91
O4 PO4 E . -18.83 8.99 2.48
#